data_5BSM
#
_entry.id   5BSM
#
_cell.length_a   91.357
_cell.length_b   96.311
_cell.length_c   122.573
_cell.angle_alpha   90.000
_cell.angle_beta   90.000
_cell.angle_gamma   90.000
#
_symmetry.space_group_name_H-M   'P 21 21 21'
#
loop_
_entity.id
_entity.type
_entity.pdbx_description
1 polymer '4-coumarate--CoA ligase 2'
2 non-polymer "ADENOSINE-5'-TRIPHOSPHATE"
3 non-polymer 'MAGNESIUM ION'
4 water water
#
_entity_poly.entity_id   1
_entity_poly.type   'polypeptide(L)'
_entity_poly.pdbx_seq_one_letter_code
;MEKDTKQVDIIFRSKLPDIYIPNHLPLHSYCFENISEFSSRPCLINGANKQIYTYADVELNSRKVAAGLHKQGIQPKDTI
MILLPNSPEFVFAFIGASYLGAISTMANPLFTPAEVVKQAKASSAKIIVTQACHVNKVKDYAFENDVKIICIDSAPEGCL
HFSVLTQANEHDIPEVEIQPDDVVALPYSSGTTGLPKGVMLTHKGLVTSVAQQVDGENPNLYIHSEDVMLCVLPLFHIYS
LNSVLLCGLRVGAAILIMQKFDIVSFLELIQRYKVTIGPFVPPIVLAIAKSPMVDDYDLSSVRTVMSGAAPLGKELEDTV
RAKFPNAKLGQGYGMTEAGPVLAMCLAFAKEPFEIKSGACGTVVRNAEMKIVDPKTGNSLPRNQSGEICIRGDQIMKGYL
NDPEATARTIDKEGWLYTGDIGYIDDDDELFIVDRLKELIKYKGFQVAPAELEALLLNHPNISDAAVVPMKDEQAGEVPV
AFVVRSNGSTITEDEVKDFISKQVIFYKRIKRVFFVDAIPKSPSGKILRKDLRAKLAAGLPN
;
_entity_poly.pdbx_strand_id   A,B
#
loop_
_chem_comp.id
_chem_comp.type
_chem_comp.name
_chem_comp.formula
ATP non-polymer ADENOSINE-5'-TRIPHOSPHATE 'C10 H16 N5 O13 P3'
MG non-polymer 'MAGNESIUM ION' 'Mg 2'
#
# COMPACT_ATOMS: atom_id res chain seq x y z
N VAL A 8 -28.09 4.23 -15.17
CA VAL A 8 -27.66 5.53 -15.75
C VAL A 8 -27.47 6.57 -14.65
N ASP A 9 -26.22 6.96 -14.43
CA ASP A 9 -25.89 7.99 -13.44
C ASP A 9 -26.23 9.41 -13.94
N ILE A 10 -26.90 10.20 -13.10
CA ILE A 10 -27.14 11.61 -13.39
C ILE A 10 -25.96 12.36 -12.78
N ILE A 11 -25.22 13.07 -13.63
CA ILE A 11 -23.91 13.56 -13.21
C ILE A 11 -23.83 15.07 -13.23
N PHE A 12 -23.39 15.63 -12.11
CA PHE A 12 -23.30 17.09 -11.92
C PHE A 12 -21.85 17.51 -12.07
N ARG A 13 -21.66 18.71 -12.62
CA ARG A 13 -20.32 19.26 -12.89
C ARG A 13 -20.27 20.73 -12.51
N SER A 14 -19.09 21.33 -12.54
CA SER A 14 -18.96 22.74 -12.24
C SER A 14 -19.52 23.58 -13.36
N LYS A 15 -20.04 24.75 -13.01
CA LYS A 15 -20.32 25.84 -13.97
C LYS A 15 -19.07 26.41 -14.65
N LEU A 16 -17.90 26.20 -14.03
CA LEU A 16 -16.61 26.53 -14.66
C LEU A 16 -16.18 25.46 -15.67
N PRO A 17 -15.44 25.87 -16.72
CA PRO A 17 -14.91 24.93 -17.71
C PRO A 17 -13.84 24.05 -17.10
N ASP A 18 -13.55 22.91 -17.73
CA ASP A 18 -12.37 22.15 -17.32
C ASP A 18 -11.11 22.87 -17.76
N ILE A 19 -10.06 22.73 -16.96
CA ILE A 19 -8.78 23.38 -17.21
C ILE A 19 -7.65 22.37 -17.31
N TYR A 20 -6.49 22.88 -17.69
CA TYR A 20 -5.29 22.06 -17.76
C TYR A 20 -4.76 21.90 -16.33
N ILE A 21 -4.53 20.66 -15.92
CA ILE A 21 -3.95 20.40 -14.60
C ILE A 21 -2.61 19.64 -14.76
N PRO A 22 -1.48 20.28 -14.38
CA PRO A 22 -0.21 19.59 -14.60
C PRO A 22 0.10 18.61 -13.49
N ASN A 23 -0.78 17.61 -13.31
CA ASN A 23 -0.65 16.68 -12.17
C ASN A 23 0.39 15.58 -12.36
N HIS A 24 1.20 15.74 -13.41
CA HIS A 24 2.41 14.95 -13.61
C HIS A 24 3.60 15.58 -12.85
N LEU A 25 3.50 16.86 -12.45
CA LEU A 25 4.57 17.52 -11.69
C LEU A 25 4.50 17.14 -10.22
N PRO A 26 5.67 16.92 -9.59
CA PRO A 26 5.65 16.76 -8.12
C PRO A 26 5.12 18.04 -7.44
N LEU A 27 4.57 17.88 -6.25
CA LEU A 27 3.91 18.94 -5.48
C LEU A 27 4.74 20.19 -5.23
N HIS A 28 6.00 19.99 -4.83
CA HIS A 28 6.87 21.14 -4.64
C HIS A 28 7.10 21.88 -5.96
N SER A 29 7.17 21.10 -7.06
CA SER A 29 7.51 21.67 -8.37
C SER A 29 6.33 22.45 -8.92
N TYR A 30 5.13 21.95 -8.63
CA TYR A 30 3.89 22.61 -9.01
C TYR A 30 3.70 23.90 -8.18
N CYS A 31 3.85 23.77 -6.86
CA CYS A 31 3.62 24.85 -5.93
C CYS A 31 4.53 26.04 -6.25
N PHE A 32 5.82 25.76 -6.51
CA PHE A 32 6.85 26.74 -6.80
C PHE A 32 7.04 26.98 -8.31
N GLU A 33 6.16 26.44 -9.16
CA GLU A 33 6.29 26.64 -10.62
C GLU A 33 6.55 28.09 -11.02
N ASN A 34 5.83 29.02 -10.42
CA ASN A 34 5.88 30.38 -10.88
C ASN A 34 6.61 31.29 -9.94
N ILE A 35 7.43 30.69 -9.11
CA ILE A 35 8.04 31.40 -8.00
C ILE A 35 8.89 32.58 -8.47
N SER A 36 9.40 32.53 -9.70
CA SER A 36 10.32 33.57 -10.13
C SER A 36 9.59 34.91 -10.28
N GLU A 37 8.30 34.84 -10.57
CA GLU A 37 7.52 36.07 -10.68
C GLU A 37 7.11 36.67 -9.35
N PHE A 38 7.47 36.02 -8.24
CA PHE A 38 7.20 36.62 -6.95
C PHE A 38 8.20 36.27 -5.87
N SER A 39 9.38 35.91 -6.31
CA SER A 39 10.42 35.41 -5.40
C SER A 39 10.74 36.28 -4.20
N SER A 40 10.67 37.59 -4.36
CA SER A 40 10.98 38.41 -3.22
C SER A 40 9.71 38.95 -2.49
N ARG A 41 8.55 38.35 -2.76
CA ARG A 41 7.35 38.73 -2.00
C ARG A 41 7.34 37.92 -0.71
N PRO A 42 6.65 38.43 0.33
CA PRO A 42 6.55 37.66 1.57
C PRO A 42 5.81 36.36 1.36
N CYS A 43 6.33 35.29 1.94
CA CYS A 43 5.68 33.98 1.82
C CYS A 43 5.03 33.55 3.14
N LEU A 44 5.83 33.51 4.20
CA LEU A 44 5.35 33.12 5.51
C LEU A 44 5.63 34.28 6.43
N ILE A 45 4.60 34.74 7.13
CA ILE A 45 4.73 35.78 8.14
C ILE A 45 4.46 35.10 9.49
N ASN A 46 5.47 35.08 10.35
CA ASN A 46 5.33 34.52 11.67
C ASN A 46 4.69 35.58 12.53
N GLY A 47 3.41 35.38 12.86
CA GLY A 47 2.64 36.33 13.67
C GLY A 47 3.10 36.41 15.12
N ALA A 48 3.80 35.38 15.57
CA ALA A 48 4.33 35.31 16.92
C ALA A 48 5.52 36.26 17.08
N ASN A 49 6.43 36.30 16.11
CA ASN A 49 7.62 37.15 16.23
C ASN A 49 7.79 38.21 15.13
N LYS A 50 6.82 38.32 14.24
CA LYS A 50 6.80 39.34 13.15
C LYS A 50 7.81 39.03 12.03
N GLN A 51 8.41 37.84 12.11
CA GLN A 51 9.40 37.43 11.13
C GLN A 51 8.80 37.03 9.81
N ILE A 52 9.41 37.55 8.74
CA ILE A 52 8.96 37.38 7.36
C ILE A 52 9.94 36.51 6.55
N TYR A 53 9.43 35.46 5.92
CA TYR A 53 10.18 34.69 4.93
C TYR A 53 9.65 34.99 3.53
N THR A 54 10.55 35.36 2.63
CA THR A 54 10.21 35.63 1.25
C THR A 54 9.94 34.28 0.56
N TYR A 55 9.36 34.33 -0.63
CA TYR A 55 9.26 33.12 -1.44
C TYR A 55 10.61 32.41 -1.65
N ALA A 56 11.66 33.19 -1.88
CA ALA A 56 12.97 32.64 -2.13
C ALA A 56 13.46 31.99 -0.83
N ASP A 57 13.31 32.67 0.30
CA ASP A 57 13.65 32.07 1.63
C ASP A 57 13.01 30.72 1.82
N VAL A 58 11.75 30.61 1.43
CA VAL A 58 10.99 29.41 1.73
C VAL A 58 11.44 28.22 0.86
N GLU A 59 11.63 28.47 -0.42
CA GLU A 59 12.18 27.43 -1.30
C GLU A 59 13.55 27.02 -0.78
N LEU A 60 14.35 28.01 -0.39
CA LEU A 60 15.72 27.78 0.04
C LEU A 60 15.72 26.93 1.30
N ASN A 61 14.92 27.33 2.31
CA ASN A 61 14.90 26.58 3.56
C ASN A 61 14.36 25.17 3.33
N SER A 62 13.41 25.06 2.42
CA SER A 62 12.83 23.77 2.13
C SER A 62 13.84 22.87 1.47
N ARG A 63 14.72 23.45 0.66
CA ARG A 63 15.69 22.64 -0.04
C ARG A 63 16.75 22.23 0.94
N LYS A 64 17.11 23.15 1.83
CA LYS A 64 18.06 22.85 2.91
C LYS A 64 17.53 21.70 3.76
N VAL A 65 16.29 21.79 4.20
CA VAL A 65 15.68 20.71 5.00
C VAL A 65 15.63 19.37 4.28
N ALA A 66 15.31 19.36 3.00
CA ALA A 66 15.34 18.14 2.19
C ALA A 66 16.71 17.49 2.24
N ALA A 67 17.75 18.29 2.00
CA ALA A 67 19.10 17.80 2.05
C ALA A 67 19.41 17.27 3.45
N GLY A 68 18.86 17.96 4.46
CA GLY A 68 19.12 17.64 5.84
C GLY A 68 18.46 16.31 6.11
N LEU A 69 17.21 16.18 5.71
CA LEU A 69 16.50 14.92 5.95
C LEU A 69 17.22 13.74 5.28
N HIS A 70 17.72 13.97 4.08
CA HIS A 70 18.45 12.95 3.37
C HIS A 70 19.69 12.49 4.17
N LYS A 71 20.46 13.45 4.72
CA LYS A 71 21.62 13.12 5.51
C LYS A 71 21.17 12.33 6.75
N GLN A 72 19.95 12.56 7.21
CA GLN A 72 19.46 11.84 8.37
C GLN A 72 18.88 10.46 8.05
N GLY A 73 18.91 10.05 6.79
CA GLY A 73 18.50 8.68 6.43
C GLY A 73 17.16 8.58 5.72
N ILE A 74 16.51 9.73 5.49
CA ILE A 74 15.24 9.73 4.73
C ILE A 74 15.46 9.42 3.26
N GLN A 75 14.85 8.31 2.83
CA GLN A 75 14.92 7.76 1.45
C GLN A 75 13.55 7.89 0.77
N PRO A 76 13.49 7.82 -0.57
CA PRO A 76 12.17 7.86 -1.21
C PRO A 76 11.18 6.83 -0.61
N LYS A 77 9.94 7.28 -0.37
CA LYS A 77 8.86 6.50 0.25
C LYS A 77 8.99 6.35 1.77
N ASP A 78 10.08 6.82 2.38
CA ASP A 78 10.14 6.90 3.85
C ASP A 78 9.17 7.97 4.38
N THR A 79 8.88 7.93 5.66
CA THR A 79 7.94 8.86 6.27
C THR A 79 8.54 9.58 7.45
N ILE A 80 8.25 10.89 7.53
CA ILE A 80 8.50 11.67 8.73
C ILE A 80 7.16 12.02 9.36
N MET A 81 7.14 12.16 10.68
CA MET A 81 5.99 12.70 11.33
C MET A 81 6.23 14.17 11.73
N ILE A 82 5.24 15.02 11.45
CA ILE A 82 5.23 16.40 11.91
C ILE A 82 4.25 16.50 13.06
N LEU A 83 4.78 16.82 14.23
CA LEU A 83 4.00 16.91 15.44
C LEU A 83 4.25 18.35 15.94
N LEU A 84 3.68 19.31 15.21
CA LEU A 84 3.98 20.72 15.41
C LEU A 84 2.74 21.58 15.35
N PRO A 85 2.71 22.67 16.14
CA PRO A 85 1.75 23.75 15.89
C PRO A 85 2.13 24.48 14.59
N ASN A 86 1.25 25.31 14.08
CA ASN A 86 1.56 26.08 12.89
C ASN A 86 2.85 26.86 13.10
N SER A 87 3.77 26.74 12.16
CA SER A 87 5.04 27.41 12.24
C SER A 87 5.73 27.34 10.90
N PRO A 88 6.72 28.22 10.69
CA PRO A 88 7.52 28.08 9.48
C PRO A 88 8.11 26.68 9.30
N GLU A 89 8.56 26.06 10.38
CA GLU A 89 9.27 24.77 10.33
C GLU A 89 8.35 23.61 9.92
N PHE A 90 7.05 23.73 10.18
CA PHE A 90 6.10 22.76 9.72
C PHE A 90 6.18 22.80 8.20
N VAL A 91 6.21 24.01 7.64
CA VAL A 91 6.15 24.19 6.19
C VAL A 91 7.42 23.58 5.58
N PHE A 92 8.54 23.92 6.19
CA PHE A 92 9.85 23.54 5.67
C PHE A 92 10.00 22.00 5.66
N ALA A 93 9.59 21.37 6.75
CA ALA A 93 9.55 19.89 6.86
C ALA A 93 8.63 19.23 5.81
N PHE A 94 7.40 19.72 5.67
CA PHE A 94 6.46 19.13 4.72
C PHE A 94 7.00 19.14 3.31
N ILE A 95 7.50 20.30 2.90
CA ILE A 95 8.00 20.48 1.54
C ILE A 95 9.32 19.78 1.33
N GLY A 96 10.16 19.81 2.36
CA GLY A 96 11.46 19.13 2.30
C GLY A 96 11.33 17.64 2.10
N ALA A 97 10.34 17.02 2.77
CA ALA A 97 10.05 15.58 2.58
C ALA A 97 9.65 15.31 1.13
N SER A 98 8.85 16.24 0.59
CA SER A 98 8.36 16.13 -0.78
C SER A 98 9.52 16.16 -1.77
N TYR A 99 10.44 17.11 -1.62
CA TYR A 99 11.69 17.10 -2.40
C TYR A 99 12.37 15.74 -2.46
N LEU A 100 12.16 14.91 -1.44
CA LEU A 100 12.84 13.63 -1.33
C LEU A 100 12.03 12.47 -1.87
N GLY A 101 10.83 12.77 -2.34
CA GLY A 101 9.92 11.70 -2.70
C GLY A 101 9.53 10.95 -1.46
N ALA A 102 9.55 11.65 -0.33
CA ALA A 102 9.19 11.07 0.97
C ALA A 102 7.79 11.60 1.39
N ILE A 103 7.35 11.23 2.58
CA ILE A 103 5.97 11.42 2.97
C ILE A 103 5.91 12.11 4.34
N SER A 104 5.06 13.13 4.45
CA SER A 104 4.83 13.67 5.79
C SER A 104 3.49 13.21 6.33
N THR A 105 3.51 12.59 7.50
CA THR A 105 2.30 12.42 8.30
C THR A 105 2.26 13.52 9.37
N MET A 106 1.07 14.09 9.60
CA MET A 106 0.91 15.24 10.49
C MET A 106 -0.02 14.90 11.63
N ALA A 107 0.42 15.23 12.83
CA ALA A 107 -0.29 14.79 14.00
C ALA A 107 -0.75 15.99 14.83
N ASN A 108 -1.97 15.91 15.33
CA ASN A 108 -2.43 16.81 16.38
C ASN A 108 -1.43 16.85 17.55
N PRO A 109 -0.77 18.01 17.79
CA PRO A 109 0.22 18.09 18.88
C PRO A 109 -0.36 17.99 20.28
N LEU A 110 -1.68 18.05 20.40
CA LEU A 110 -2.35 17.90 21.69
C LEU A 110 -2.90 16.46 21.88
N PHE A 111 -2.43 15.55 21.03
CA PHE A 111 -2.69 14.11 21.20
C PHE A 111 -2.03 13.55 22.46
N THR A 112 -2.64 12.53 23.05
CA THR A 112 -1.98 11.80 24.13
C THR A 112 -0.75 10.99 23.64
N PRO A 113 0.14 10.59 24.58
CA PRO A 113 1.23 9.72 24.12
C PRO A 113 0.74 8.44 23.36
N ALA A 114 -0.29 7.76 23.87
CA ALA A 114 -0.78 6.57 23.14
C ALA A 114 -1.16 6.91 21.70
N GLU A 115 -1.68 8.12 21.49
CA GLU A 115 -2.22 8.52 20.19
C GLU A 115 -1.10 8.81 19.20
N VAL A 116 -0.11 9.56 19.68
CA VAL A 116 1.03 9.91 18.86
C VAL A 116 1.77 8.64 18.44
N VAL A 117 2.04 7.77 19.40
CA VAL A 117 2.74 6.50 19.13
C VAL A 117 2.00 5.65 18.10
N LYS A 118 0.69 5.50 18.29
CA LYS A 118 -0.09 4.70 17.34
C LYS A 118 0.05 5.26 15.92
N GLN A 119 -0.06 6.58 15.79
CA GLN A 119 0.09 7.21 14.49
C GLN A 119 1.50 6.98 13.97
N ALA A 120 2.49 7.11 14.86
CA ALA A 120 3.90 6.89 14.44
C ALA A 120 4.14 5.46 13.95
N LYS A 121 3.56 4.47 14.64
CA LYS A 121 3.74 3.08 14.28
C LYS A 121 3.07 2.82 12.95
N ALA A 122 1.85 3.31 12.81
CA ALA A 122 1.07 3.09 11.62
C ALA A 122 1.69 3.70 10.35
N SER A 123 2.30 4.87 10.49
CA SER A 123 2.89 5.57 9.35
C SER A 123 4.33 5.20 9.15
N SER A 124 4.89 4.40 10.06
CA SER A 124 6.28 3.95 9.94
C SER A 124 7.26 5.12 9.93
N ALA A 125 6.92 6.20 10.63
CA ALA A 125 7.74 7.42 10.68
C ALA A 125 9.16 7.07 11.06
N LYS A 126 10.12 7.57 10.30
CA LYS A 126 11.52 7.41 10.69
C LYS A 126 12.03 8.58 11.51
N ILE A 127 11.36 9.73 11.41
CA ILE A 127 11.71 10.93 12.14
C ILE A 127 10.44 11.59 12.68
N ILE A 128 10.52 12.13 13.89
CA ILE A 128 9.45 12.93 14.44
C ILE A 128 10.00 14.32 14.69
N VAL A 129 9.37 15.28 14.02
CA VAL A 129 9.72 16.69 14.12
C VAL A 129 8.67 17.34 15.02
N THR A 130 9.11 17.84 16.17
CA THR A 130 8.22 18.36 17.16
C THR A 130 8.88 19.47 18.01
N GLN A 131 8.28 19.82 19.15
CA GLN A 131 8.86 20.73 20.15
C GLN A 131 9.29 20.01 21.43
N ALA A 132 10.17 20.64 22.21
CA ALA A 132 10.61 20.01 23.48
C ALA A 132 9.43 19.55 24.31
N CYS A 133 8.40 20.40 24.42
CA CYS A 133 7.27 20.07 25.30
C CYS A 133 6.51 18.77 25.00
N HIS A 134 6.68 18.20 23.80
CA HIS A 134 6.01 16.94 23.47
C HIS A 134 6.90 15.71 23.47
N VAL A 135 8.20 15.85 23.71
CA VAL A 135 9.18 14.75 23.62
C VAL A 135 8.88 13.52 24.48
N ASN A 136 8.37 13.78 25.68
CA ASN A 136 7.90 12.77 26.61
C ASN A 136 6.92 11.81 25.97
N LYS A 137 6.21 12.28 24.93
CA LYS A 137 5.11 11.51 24.35
C LYS A 137 5.63 10.33 23.56
N VAL A 138 6.84 10.50 23.05
CA VAL A 138 7.41 9.62 22.05
C VAL A 138 8.83 9.21 22.41
N LYS A 139 9.38 9.76 23.49
CA LYS A 139 10.77 9.47 23.92
C LYS A 139 11.19 7.98 23.85
N ASP A 140 10.56 7.14 24.66
CA ASP A 140 10.92 5.70 24.76
C ASP A 140 10.64 4.96 23.48
N TYR A 141 9.40 5.05 23.00
CA TYR A 141 9.06 4.50 21.69
C TYR A 141 10.10 4.76 20.60
N ALA A 142 10.53 6.02 20.45
CA ALA A 142 11.55 6.40 19.46
C ALA A 142 12.87 5.70 19.64
N PHE A 143 13.37 5.62 20.88
CA PHE A 143 14.64 4.98 21.16
C PHE A 143 14.57 3.49 20.84
N GLU A 144 13.51 2.83 21.30
CA GLU A 144 13.28 1.41 21.04
C GLU A 144 13.10 1.10 19.57
N ASN A 145 12.76 2.09 18.75
CA ASN A 145 12.51 1.83 17.35
C ASN A 145 13.35 2.61 16.36
N ASP A 146 14.45 3.16 16.86
CA ASP A 146 15.45 3.86 16.02
C ASP A 146 14.79 4.98 15.19
N VAL A 147 13.80 5.65 15.80
CA VAL A 147 13.11 6.76 15.19
C VAL A 147 13.80 7.99 15.75
N LYS A 148 14.34 8.86 14.90
CA LYS A 148 14.99 10.10 15.40
C LYS A 148 13.97 11.18 15.79
N ILE A 149 14.29 11.96 16.82
CA ILE A 149 13.42 13.06 17.24
C ILE A 149 14.13 14.40 17.01
N ILE A 150 13.50 15.29 16.24
CA ILE A 150 14.09 16.61 15.98
C ILE A 150 13.21 17.71 16.52
N CYS A 151 13.76 18.60 17.33
CA CYS A 151 12.96 19.63 18.00
C CYS A 151 13.20 21.00 17.39
N ILE A 152 12.14 21.77 17.26
CA ILE A 152 12.29 23.05 16.57
C ILE A 152 12.85 24.15 17.46
N ASP A 153 12.75 23.94 18.79
CA ASP A 153 13.00 24.96 19.79
C ASP A 153 14.25 24.70 20.61
N SER A 154 14.27 23.71 21.49
CA SER A 154 15.55 23.25 22.08
C SER A 154 15.57 21.74 22.08
N ALA A 155 16.74 21.14 21.88
CA ALA A 155 16.80 19.68 21.74
C ALA A 155 17.39 19.05 22.97
N PRO A 156 16.54 18.56 23.88
CA PRO A 156 17.03 17.83 25.07
C PRO A 156 17.65 16.43 24.76
N GLU A 157 18.18 15.79 25.81
CA GLU A 157 18.72 14.42 25.78
C GLU A 157 18.18 13.55 24.66
N GLY A 158 19.09 13.16 23.75
CA GLY A 158 18.74 12.23 22.67
C GLY A 158 18.08 12.85 21.45
N CYS A 159 17.70 14.12 21.53
CA CYS A 159 17.07 14.75 20.37
C CYS A 159 18.07 15.56 19.53
N LEU A 160 17.76 15.72 18.24
CA LEU A 160 18.54 16.58 17.36
C LEU A 160 17.78 17.87 17.35
N HIS A 161 18.48 18.97 17.13
CA HIS A 161 17.82 20.25 16.90
C HIS A 161 17.48 20.42 15.40
N PHE A 162 16.39 21.11 15.09
CA PHE A 162 15.97 21.35 13.69
C PHE A 162 17.07 21.98 12.82
N SER A 163 17.83 22.92 13.40
CA SER A 163 19.00 23.53 12.75
C SER A 163 19.96 22.49 12.10
N VAL A 164 19.99 21.26 12.61
CA VAL A 164 20.84 20.24 12.00
C VAL A 164 20.28 19.88 10.62
N LEU A 165 19.04 20.25 10.37
CA LEU A 165 18.52 20.07 9.05
C LEU A 165 18.85 21.30 8.19
N THR A 166 18.68 22.50 8.75
CA THR A 166 18.89 23.74 7.98
C THR A 166 20.37 24.04 7.70
N GLN A 167 21.29 23.32 8.36
CA GLN A 167 22.74 23.49 8.09
C GLN A 167 23.15 22.87 6.76
N ALA A 168 22.35 21.90 6.30
CA ALA A 168 22.59 21.20 5.04
C ALA A 168 22.60 22.15 3.82
N ASN A 169 23.24 21.70 2.73
CA ASN A 169 23.38 22.58 1.57
C ASN A 169 22.25 22.29 0.59
N GLU A 170 21.68 23.35 0.07
CA GLU A 170 20.53 23.23 -0.84
C GLU A 170 20.87 22.47 -2.13
N HIS A 171 22.13 22.49 -2.57
CA HIS A 171 22.46 21.77 -3.76
C HIS A 171 22.85 20.30 -3.47
N ASP A 172 22.51 19.81 -2.27
CA ASP A 172 22.81 18.39 -1.89
C ASP A 172 21.57 17.46 -1.88
N ILE A 173 20.54 17.86 -2.61
CA ILE A 173 19.39 17.00 -2.77
C ILE A 173 19.73 15.93 -3.82
N PRO A 174 19.50 14.63 -3.48
CA PRO A 174 19.83 13.59 -4.45
C PRO A 174 18.88 13.56 -5.66
N GLU A 175 19.38 13.01 -6.77
CA GLU A 175 18.55 12.60 -7.90
C GLU A 175 17.38 11.78 -7.35
N VAL A 176 16.18 12.08 -7.81
CA VAL A 176 15.04 11.28 -7.41
C VAL A 176 14.03 11.21 -8.55
N GLU A 177 13.33 10.07 -8.66
CA GLU A 177 12.31 9.84 -9.66
C GLU A 177 10.98 9.85 -8.97
N ILE A 178 10.30 10.98 -8.97
CA ILE A 178 9.01 11.02 -8.30
C ILE A 178 7.85 10.61 -9.23
N GLN A 179 7.06 9.65 -8.79
CA GLN A 179 5.89 9.21 -9.55
C GLN A 179 4.65 10.04 -9.17
N PRO A 180 3.81 10.39 -10.16
CA PRO A 180 2.53 11.04 -9.90
C PRO A 180 1.73 10.38 -8.77
N ASP A 181 1.74 9.05 -8.73
CA ASP A 181 1.01 8.27 -7.74
C ASP A 181 1.77 7.99 -6.44
N ASP A 182 2.91 8.63 -6.22
CA ASP A 182 3.58 8.50 -4.92
C ASP A 182 2.79 9.32 -3.89
N VAL A 183 2.68 8.78 -2.68
CA VAL A 183 2.12 9.48 -1.54
C VAL A 183 3.09 10.58 -1.16
N VAL A 184 2.54 11.70 -0.68
CA VAL A 184 3.35 12.84 -0.24
C VAL A 184 2.90 13.26 1.15
N ALA A 185 1.63 12.99 1.44
CA ALA A 185 0.97 13.37 2.69
C ALA A 185 0.16 12.25 3.30
N LEU A 186 0.33 12.06 4.62
CA LEU A 186 -0.52 11.20 5.43
C LEU A 186 -1.31 11.99 6.47
N PRO A 187 -2.28 12.81 6.03
CA PRO A 187 -3.19 13.44 7.01
C PRO A 187 -4.16 12.42 7.61
N TYR A 188 -4.81 12.80 8.71
CA TYR A 188 -5.79 11.96 9.37
C TYR A 188 -7.14 12.67 9.40
N SER A 189 -8.23 11.92 9.34
CA SER A 189 -9.57 12.50 9.51
C SER A 189 -9.69 13.02 10.94
N SER A 190 -10.66 13.90 11.21
CA SER A 190 -10.65 14.58 12.51
C SER A 190 -11.14 13.69 13.65
N GLY A 191 -11.72 12.53 13.33
CA GLY A 191 -12.18 11.59 14.38
C GLY A 191 -13.51 12.00 14.97
N THR A 192 -14.31 12.70 14.18
CA THR A 192 -15.57 13.30 14.63
C THR A 192 -16.58 12.16 14.89
N THR A 193 -16.48 11.08 14.14
CA THR A 193 -17.45 10.01 14.23
C THR A 193 -16.82 8.71 14.72
N GLY A 194 -15.55 8.76 15.11
CA GLY A 194 -14.86 7.54 15.58
C GLY A 194 -13.40 7.81 15.62
N LEU A 195 -12.59 6.76 15.63
CA LEU A 195 -11.15 6.95 15.65
C LEU A 195 -10.65 7.59 14.35
N PRO A 196 -9.69 8.50 14.44
CA PRO A 196 -9.08 9.09 13.25
C PRO A 196 -8.52 8.05 12.23
N LYS A 197 -8.82 8.27 10.94
CA LYS A 197 -8.35 7.41 9.87
C LYS A 197 -7.19 8.09 9.13
N GLY A 198 -6.12 7.33 8.91
CA GLY A 198 -4.99 7.77 8.09
C GLY A 198 -5.33 7.68 6.61
N VAL A 199 -5.04 8.75 5.89
CA VAL A 199 -5.41 8.88 4.49
C VAL A 199 -4.18 9.14 3.65
N MET A 200 -3.97 8.34 2.62
CA MET A 200 -2.88 8.56 1.69
C MET A 200 -3.28 9.50 0.57
N LEU A 201 -2.60 10.65 0.53
CA LEU A 201 -2.75 11.65 -0.53
C LEU A 201 -1.48 11.71 -1.39
N THR A 202 -1.65 11.75 -2.72
CA THR A 202 -0.51 11.63 -3.67
C THR A 202 -0.13 12.96 -4.21
N HIS A 203 1.06 13.02 -4.83
CA HIS A 203 1.43 14.18 -5.64
C HIS A 203 0.34 14.57 -6.66
N LYS A 204 -0.15 13.57 -7.39
CA LYS A 204 -1.16 13.78 -8.40
C LYS A 204 -2.46 14.31 -7.77
N GLY A 205 -2.89 13.69 -6.67
CA GLY A 205 -4.12 14.07 -6.00
C GLY A 205 -4.11 15.53 -5.59
N LEU A 206 -3.02 15.96 -4.91
CA LEU A 206 -2.90 17.29 -4.31
C LEU A 206 -2.63 18.40 -5.32
N VAL A 207 -1.83 18.12 -6.35
CA VAL A 207 -1.69 19.07 -7.44
C VAL A 207 -3.07 19.27 -8.08
N THR A 208 -3.77 18.17 -8.33
CA THR A 208 -5.11 18.27 -8.89
C THR A 208 -6.00 19.20 -8.06
N SER A 209 -6.02 18.98 -6.75
CA SER A 209 -6.98 19.65 -5.88
C SER A 209 -6.61 21.12 -5.69
N VAL A 210 -5.32 21.43 -5.59
CA VAL A 210 -4.91 22.81 -5.56
C VAL A 210 -5.28 23.51 -6.87
N ALA A 211 -5.05 22.83 -8.00
CA ALA A 211 -5.35 23.44 -9.30
C ALA A 211 -6.84 23.71 -9.42
N GLN A 212 -7.65 22.70 -9.03
CA GLN A 212 -9.11 22.82 -9.08
C GLN A 212 -9.60 24.13 -8.42
N GLN A 213 -8.86 24.58 -7.41
CA GLN A 213 -9.24 25.76 -6.63
C GLN A 213 -8.67 27.06 -7.17
N VAL A 214 -7.37 27.09 -7.45
CA VAL A 214 -6.72 28.40 -7.67
C VAL A 214 -6.16 28.66 -9.07
N ASP A 215 -6.16 27.64 -9.95
CA ASP A 215 -5.71 27.79 -11.33
C ASP A 215 -6.92 28.06 -12.27
N GLY A 216 -6.61 28.44 -13.51
CA GLY A 216 -7.60 28.60 -14.56
C GLY A 216 -7.68 30.05 -15.01
N GLU A 217 -8.32 30.26 -16.17
CA GLU A 217 -8.53 31.63 -16.62
C GLU A 217 -9.44 32.32 -15.60
N ASN A 218 -10.55 31.65 -15.26
CA ASN A 218 -11.38 32.07 -14.13
C ASN A 218 -11.29 31.04 -12.96
N PRO A 219 -10.39 31.26 -11.99
CA PRO A 219 -10.24 30.31 -10.89
C PRO A 219 -11.41 30.40 -9.92
N ASN A 220 -11.79 29.25 -9.35
CA ASN A 220 -12.92 29.10 -8.41
C ASN A 220 -12.62 29.90 -7.16
N LEU A 221 -11.36 29.90 -6.76
CA LEU A 221 -10.94 30.61 -5.57
C LEU A 221 -9.84 31.54 -6.02
N TYR A 222 -10.18 32.80 -6.15
CA TYR A 222 -9.24 33.69 -6.78
C TYR A 222 -8.29 34.27 -5.73
N ILE A 223 -7.02 33.87 -5.80
CA ILE A 223 -5.97 34.41 -4.92
C ILE A 223 -4.76 34.77 -5.74
N HIS A 224 -4.11 35.89 -5.44
CA HIS A 224 -2.93 36.30 -6.18
C HIS A 224 -1.78 36.68 -5.25
N SER A 225 -0.63 37.03 -5.86
CA SER A 225 0.61 37.28 -5.12
C SER A 225 0.61 38.57 -4.30
N GLU A 226 -0.47 39.33 -4.36
CA GLU A 226 -0.58 40.52 -3.53
C GLU A 226 -1.59 40.34 -2.39
N ASP A 227 -2.13 39.13 -2.24
CA ASP A 227 -3.05 38.83 -1.14
C ASP A 227 -2.32 38.44 0.14
N VAL A 228 -3.03 38.60 1.26
CA VAL A 228 -2.54 38.12 2.57
C VAL A 228 -3.59 37.18 3.18
N MET A 229 -3.21 35.92 3.33
CA MET A 229 -4.13 34.87 3.72
C MET A 229 -3.85 34.56 5.20
N LEU A 230 -4.88 34.64 6.03
CA LEU A 230 -4.67 34.37 7.44
C LEU A 230 -4.65 32.87 7.68
N CYS A 231 -3.72 32.37 8.48
CA CYS A 231 -3.65 30.93 8.73
C CYS A 231 -3.78 30.67 10.23
N VAL A 232 -5.01 30.60 10.68
CA VAL A 232 -5.23 30.38 12.09
C VAL A 232 -5.78 28.97 12.37
N LEU A 233 -5.92 28.17 11.34
CA LEU A 233 -6.38 26.82 11.54
C LEU A 233 -5.23 25.80 11.40
N PRO A 234 -5.35 24.65 12.09
CA PRO A 234 -4.22 23.74 12.22
C PRO A 234 -3.83 23.16 10.87
N LEU A 235 -2.56 23.33 10.53
CA LEU A 235 -2.04 22.81 9.29
C LEU A 235 -1.96 21.29 9.31
N PHE A 236 -2.11 20.64 10.47
CA PHE A 236 -2.15 19.18 10.46
C PHE A 236 -3.50 18.63 9.98
N HIS A 237 -4.51 19.50 9.84
CA HIS A 237 -5.75 19.12 9.23
C HIS A 237 -5.70 19.53 7.74
N ILE A 238 -6.35 18.74 6.87
CA ILE A 238 -6.14 18.88 5.42
C ILE A 238 -6.71 20.17 4.83
N TYR A 239 -7.76 20.72 5.45
CA TYR A 239 -8.35 22.01 5.02
C TYR A 239 -7.35 23.19 5.02
N SER A 240 -6.62 23.39 6.12
CA SER A 240 -5.56 24.40 6.10
C SER A 240 -4.37 24.09 5.19
N LEU A 241 -3.92 22.85 5.20
CA LEU A 241 -2.69 22.49 4.52
C LEU A 241 -2.92 22.66 3.03
N ASN A 242 -4.07 22.21 2.56
CA ASN A 242 -4.39 22.39 1.16
C ASN A 242 -4.83 23.83 0.81
N SER A 243 -5.95 24.28 1.36
CA SER A 243 -6.53 25.52 0.92
C SER A 243 -5.82 26.76 1.43
N VAL A 244 -5.03 26.66 2.48
CA VAL A 244 -4.23 27.82 2.87
C VAL A 244 -2.80 27.68 2.35
N LEU A 245 -2.08 26.69 2.84
CA LEU A 245 -0.66 26.55 2.55
C LEU A 245 -0.39 26.23 1.07
N LEU A 246 -0.89 25.10 0.57
CA LEU A 246 -0.54 24.70 -0.78
C LEU A 246 -1.11 25.68 -1.80
N CYS A 247 -2.39 26.06 -1.69
CA CYS A 247 -3.00 27.07 -2.57
C CYS A 247 -2.30 28.42 -2.51
N GLY A 248 -1.95 28.86 -1.30
CA GLY A 248 -1.23 30.11 -1.12
C GLY A 248 0.12 30.12 -1.86
N LEU A 249 0.87 29.02 -1.74
CA LEU A 249 2.18 28.91 -2.37
C LEU A 249 2.02 28.96 -3.87
N ARG A 250 1.02 28.25 -4.37
CA ARG A 250 0.83 28.13 -5.79
C ARG A 250 0.70 29.49 -6.48
N VAL A 251 0.06 30.45 -5.83
CA VAL A 251 -0.27 31.73 -6.44
C VAL A 251 0.57 32.89 -5.93
N GLY A 252 1.46 32.60 -4.97
CA GLY A 252 2.39 33.61 -4.46
C GLY A 252 1.88 34.50 -3.33
N ALA A 253 0.89 34.03 -2.58
CA ALA A 253 0.30 34.86 -1.54
C ALA A 253 1.08 34.75 -0.25
N ALA A 254 1.08 35.83 0.52
CA ALA A 254 1.56 35.83 1.90
C ALA A 254 0.67 35.01 2.83
N ILE A 255 1.29 34.19 3.66
CA ILE A 255 0.54 33.38 4.60
C ILE A 255 0.90 33.80 6.01
N LEU A 256 -0.05 34.46 6.68
CA LEU A 256 0.10 34.94 8.05
C LEU A 256 -0.24 33.86 9.05
N ILE A 257 0.76 33.46 9.82
CA ILE A 257 0.61 32.34 10.72
C ILE A 257 0.24 32.82 12.13
N MET A 258 -0.99 32.51 12.55
CA MET A 258 -1.44 32.62 13.93
C MET A 258 -1.45 31.24 14.58
N GLN A 259 -1.24 31.21 15.89
CA GLN A 259 -1.20 29.96 16.64
C GLN A 259 -2.56 29.59 17.23
N LYS A 260 -3.22 30.59 17.80
CA LYS A 260 -4.40 30.34 18.61
C LYS A 260 -5.41 31.46 18.38
N PHE A 261 -6.59 31.08 17.91
CA PHE A 261 -7.66 32.04 17.74
C PHE A 261 -8.19 32.56 19.07
N ASP A 262 -8.27 33.88 19.20
CA ASP A 262 -9.25 34.48 20.10
C ASP A 262 -9.73 35.71 19.38
N ILE A 263 -10.99 36.08 19.56
CA ILE A 263 -11.61 37.14 18.78
C ILE A 263 -10.86 38.49 18.76
N VAL A 264 -10.21 38.88 19.85
CA VAL A 264 -9.57 40.22 19.87
C VAL A 264 -8.25 40.20 19.09
N SER A 265 -7.42 39.21 19.40
CA SER A 265 -6.14 38.99 18.74
C SER A 265 -6.37 38.92 17.22
N PHE A 266 -7.25 37.99 16.83
CA PHE A 266 -7.79 37.83 15.47
C PHE A 266 -8.08 39.15 14.75
N LEU A 267 -9.00 39.96 15.28
CA LEU A 267 -9.41 41.20 14.66
C LEU A 267 -8.22 42.15 14.49
N GLU A 268 -7.46 42.35 15.55
CA GLU A 268 -6.26 43.15 15.51
C GLU A 268 -5.30 42.74 14.40
N LEU A 269 -4.94 41.45 14.32
CA LEU A 269 -4.03 40.97 13.28
C LEU A 269 -4.58 41.18 11.87
N ILE A 270 -5.86 40.90 11.68
CA ILE A 270 -6.51 41.23 10.44
C ILE A 270 -6.26 42.70 10.09
N GLN A 271 -6.59 43.61 11.00
CA GLN A 271 -6.38 45.04 10.75
C GLN A 271 -4.91 45.31 10.49
N ARG A 272 -4.06 44.80 11.38
CA ARG A 272 -2.66 45.17 11.42
C ARG A 272 -1.95 44.79 10.13
N TYR A 273 -2.20 43.56 9.69
CA TYR A 273 -1.47 42.96 8.57
C TYR A 273 -2.23 43.05 7.29
N LYS A 274 -3.36 43.75 7.35
CA LYS A 274 -4.21 43.97 6.18
C LYS A 274 -4.57 42.66 5.46
N VAL A 275 -5.00 41.66 6.23
CA VAL A 275 -5.45 40.36 5.65
C VAL A 275 -6.49 40.57 4.54
N THR A 276 -6.32 39.91 3.40
CA THR A 276 -7.30 39.99 2.33
C THR A 276 -8.11 38.72 2.14
N ILE A 277 -7.57 37.56 2.55
CA ILE A 277 -8.31 36.27 2.48
C ILE A 277 -8.49 35.63 3.87
N GLY A 278 -9.75 35.38 4.25
CA GLY A 278 -10.06 34.79 5.54
C GLY A 278 -10.61 33.36 5.48
N PRO A 279 -9.73 32.35 5.53
CA PRO A 279 -10.20 30.95 5.51
C PRO A 279 -10.57 30.53 6.94
N PHE A 280 -11.88 30.51 7.21
CA PHE A 280 -12.38 30.26 8.54
C PHE A 280 -13.15 28.95 8.61
N VAL A 281 -13.75 28.72 9.76
CA VAL A 281 -14.64 27.60 9.99
C VAL A 281 -15.86 28.08 10.81
N PRO A 282 -16.88 27.23 10.96
CA PRO A 282 -18.03 27.80 11.64
C PRO A 282 -17.80 28.34 13.07
N PRO A 283 -16.92 27.68 13.89
CA PRO A 283 -16.69 28.33 15.19
C PRO A 283 -16.13 29.76 15.08
N ILE A 284 -15.29 30.05 14.06
CA ILE A 284 -14.78 31.43 13.86
C ILE A 284 -15.89 32.39 13.44
N VAL A 285 -16.71 31.94 12.50
CA VAL A 285 -17.87 32.70 12.03
C VAL A 285 -18.84 32.98 13.19
N LEU A 286 -19.02 31.99 14.06
CA LEU A 286 -19.89 32.09 15.24
C LEU A 286 -19.39 33.18 16.17
N ALA A 287 -18.13 33.06 16.53
CA ALA A 287 -17.48 34.11 17.31
C ALA A 287 -17.72 35.49 16.67
N ILE A 288 -17.51 35.60 15.36
CA ILE A 288 -17.57 36.89 14.71
C ILE A 288 -19.01 37.46 14.84
N ALA A 289 -20.01 36.61 14.60
CA ALA A 289 -21.42 37.05 14.63
C ALA A 289 -21.90 37.50 16.00
N LYS A 290 -21.34 36.87 17.05
CA LYS A 290 -21.79 37.14 18.42
C LYS A 290 -21.05 38.33 19.08
N SER A 291 -19.85 38.66 18.57
CA SER A 291 -19.08 39.79 19.10
C SER A 291 -19.66 41.14 18.66
N PRO A 292 -19.83 42.08 19.61
CA PRO A 292 -20.38 43.41 19.27
C PRO A 292 -19.32 44.42 18.78
N MET A 293 -18.05 44.07 18.89
CA MET A 293 -16.99 45.03 18.65
C MET A 293 -16.39 44.92 17.24
N VAL A 294 -16.87 43.97 16.45
CA VAL A 294 -16.34 43.76 15.11
C VAL A 294 -16.33 45.07 14.33
N ASP A 295 -17.27 45.97 14.68
CA ASP A 295 -17.46 47.27 14.02
C ASP A 295 -16.39 48.34 14.37
N ASP A 296 -15.63 48.12 15.44
CA ASP A 296 -14.57 49.03 15.87
C ASP A 296 -13.27 48.80 15.10
N TYR A 297 -13.30 47.89 14.12
CA TYR A 297 -12.08 47.43 13.46
C TYR A 297 -12.12 47.66 11.97
N ASP A 298 -10.95 47.92 11.40
CA ASP A 298 -10.85 48.16 9.97
C ASP A 298 -10.57 46.84 9.28
N LEU A 299 -11.62 46.27 8.70
CA LEU A 299 -11.62 44.96 8.05
C LEU A 299 -11.91 45.13 6.56
N SER A 300 -11.76 46.36 6.09
CA SER A 300 -12.08 46.69 4.72
C SER A 300 -11.17 45.97 3.75
N SER A 301 -9.96 45.66 4.17
CA SER A 301 -9.01 44.90 3.35
C SER A 301 -9.51 43.50 2.99
N VAL A 302 -10.27 42.88 3.89
CA VAL A 302 -10.74 41.50 3.67
C VAL A 302 -11.71 41.40 2.48
N ARG A 303 -11.28 40.75 1.41
CA ARG A 303 -12.07 40.72 0.19
C ARG A 303 -12.81 39.36 -0.03
N THR A 304 -12.34 38.29 0.63
CA THR A 304 -12.87 36.93 0.49
C THR A 304 -12.88 36.28 1.86
N VAL A 305 -14.05 35.82 2.30
CA VAL A 305 -14.16 35.11 3.57
C VAL A 305 -14.76 33.73 3.28
N MET A 306 -14.01 32.69 3.58
CA MET A 306 -14.48 31.34 3.36
C MET A 306 -14.80 30.71 4.70
N SER A 307 -15.85 29.91 4.75
CA SER A 307 -16.05 29.02 5.87
C SER A 307 -16.05 27.57 5.37
N GLY A 308 -15.19 26.75 5.96
CA GLY A 308 -15.08 25.36 5.55
C GLY A 308 -15.28 24.44 6.73
N ALA A 309 -15.07 23.14 6.49
CA ALA A 309 -14.86 22.13 7.55
C ALA A 309 -16.09 21.60 8.25
N ALA A 310 -17.14 22.41 8.37
CA ALA A 310 -18.34 21.98 9.08
C ALA A 310 -19.63 22.65 8.62
N PRO A 311 -20.78 22.05 8.98
CA PRO A 311 -22.07 22.68 8.67
C PRO A 311 -22.17 24.13 9.17
N LEU A 312 -22.60 25.04 8.29
CA LEU A 312 -22.91 26.41 8.63
C LEU A 312 -24.26 26.79 8.02
N GLY A 313 -25.20 27.25 8.83
CA GLY A 313 -26.52 27.66 8.30
C GLY A 313 -26.62 29.05 7.67
N LYS A 314 -27.68 29.29 6.89
CA LYS A 314 -27.74 30.50 6.09
C LYS A 314 -27.95 31.77 6.89
N GLU A 315 -28.67 31.66 8.00
CA GLU A 315 -29.03 32.82 8.81
C GLU A 315 -27.79 33.36 9.51
N LEU A 316 -26.99 32.46 10.09
CA LEU A 316 -25.72 32.83 10.70
C LEU A 316 -24.70 33.31 9.66
N GLU A 317 -24.66 32.63 8.52
CA GLU A 317 -23.79 33.04 7.40
C GLU A 317 -24.11 34.46 6.93
N ASP A 318 -25.41 34.78 6.88
CA ASP A 318 -25.88 36.12 6.50
C ASP A 318 -25.54 37.20 7.52
N THR A 319 -25.59 36.86 8.81
CA THR A 319 -25.26 37.77 9.88
C THR A 319 -23.85 38.28 9.72
N VAL A 320 -22.95 37.37 9.36
CA VAL A 320 -21.53 37.63 9.30
C VAL A 320 -21.25 38.29 7.98
N ARG A 321 -22.02 37.89 6.96
CA ARG A 321 -21.97 38.56 5.67
C ARG A 321 -22.09 40.08 5.85
N ALA A 322 -23.10 40.50 6.62
CA ALA A 322 -23.39 41.92 6.83
C ALA A 322 -22.23 42.65 7.52
N LYS A 323 -21.44 41.93 8.29
CA LYS A 323 -20.28 42.52 8.99
C LYS A 323 -18.97 42.63 8.16
N PHE A 324 -18.97 42.08 6.94
CA PHE A 324 -17.92 42.29 5.93
C PHE A 324 -18.59 42.73 4.63
N PRO A 325 -19.11 43.97 4.56
CA PRO A 325 -19.88 44.32 3.36
C PRO A 325 -18.98 44.43 2.12
N ASN A 326 -17.68 44.58 2.38
CA ASN A 326 -16.61 44.55 1.41
C ASN A 326 -16.12 43.20 0.84
N ALA A 327 -16.70 42.08 1.29
CA ALA A 327 -16.11 40.77 1.01
C ALA A 327 -17.10 39.87 0.35
N LYS A 328 -16.58 38.88 -0.37
CA LYS A 328 -17.42 37.77 -0.77
C LYS A 328 -17.27 36.80 0.37
N LEU A 329 -18.41 36.32 0.88
CA LEU A 329 -18.43 35.34 1.93
C LEU A 329 -19.17 34.12 1.44
N GLY A 330 -18.66 32.94 1.76
CA GLY A 330 -19.25 31.72 1.25
C GLY A 330 -18.53 30.54 1.85
N GLN A 331 -18.86 29.36 1.37
CA GLN A 331 -18.39 28.13 1.98
C GLN A 331 -17.58 27.28 1.02
N GLY A 332 -16.76 26.41 1.59
CA GLY A 332 -16.05 25.38 0.84
C GLY A 332 -16.39 24.10 1.57
N TYR A 333 -16.39 22.97 0.85
CA TYR A 333 -16.71 21.68 1.42
C TYR A 333 -15.59 20.70 1.12
N GLY A 334 -14.98 20.19 2.19
CA GLY A 334 -13.88 19.26 2.11
C GLY A 334 -14.01 18.03 2.97
N MET A 335 -13.29 17.00 2.55
CA MET A 335 -13.27 15.75 3.21
C MET A 335 -11.88 15.18 2.98
N THR A 336 -11.20 14.78 4.06
CA THR A 336 -9.84 14.32 3.90
C THR A 336 -9.74 13.33 2.73
N GLU A 337 -10.60 12.32 2.73
CA GLU A 337 -10.57 11.26 1.68
C GLU A 337 -10.73 11.79 0.25
N ALA A 338 -11.22 13.04 0.13
CA ALA A 338 -11.50 13.68 -1.15
C ALA A 338 -10.38 14.57 -1.68
N GLY A 339 -9.24 14.66 -0.98
CA GLY A 339 -8.11 15.47 -1.50
C GLY A 339 -7.79 16.89 -1.02
N PRO A 340 -8.71 17.61 -0.35
CA PRO A 340 -10.00 17.29 0.23
C PRO A 340 -11.22 17.98 -0.41
N VAL A 341 -11.02 18.99 -1.25
CA VAL A 341 -12.11 19.91 -1.61
C VAL A 341 -13.05 19.27 -2.60
N LEU A 342 -14.32 19.21 -2.24
CA LEU A 342 -15.33 18.68 -3.16
C LEU A 342 -16.07 19.80 -3.82
N ALA A 343 -16.28 20.90 -3.08
CA ALA A 343 -17.01 22.06 -3.63
C ALA A 343 -16.52 23.36 -3.05
N MET A 344 -16.68 24.43 -3.80
CA MET A 344 -16.09 25.69 -3.44
C MET A 344 -16.99 26.79 -3.95
N CYS A 345 -17.30 27.72 -3.07
CA CYS A 345 -18.11 28.86 -3.42
C CYS A 345 -17.67 29.62 -4.66
N LEU A 346 -18.57 29.75 -5.63
CA LEU A 346 -18.28 30.52 -6.84
C LEU A 346 -18.31 32.04 -6.70
N ALA A 347 -18.77 32.54 -5.57
CA ALA A 347 -18.62 33.98 -5.27
C ALA A 347 -17.13 34.32 -5.05
N PHE A 348 -16.30 33.28 -4.91
CA PHE A 348 -14.85 33.48 -4.74
C PHE A 348 -14.10 33.59 -6.07
N ALA A 349 -14.78 33.24 -7.16
CA ALA A 349 -14.14 33.23 -8.47
C ALA A 349 -13.68 34.62 -8.86
N LYS A 350 -12.68 34.68 -9.74
CA LYS A 350 -12.18 35.92 -10.33
C LYS A 350 -13.28 36.68 -11.10
N GLU A 351 -14.06 35.94 -11.87
CA GLU A 351 -15.32 36.48 -12.41
C GLU A 351 -16.46 35.84 -11.62
N PRO A 352 -16.85 36.50 -10.52
CA PRO A 352 -17.69 35.87 -9.50
C PRO A 352 -19.06 35.51 -10.03
N PHE A 353 -19.52 34.30 -9.71
CA PHE A 353 -20.91 33.93 -9.94
C PHE A 353 -21.77 34.39 -8.77
N GLU A 354 -23.09 34.35 -8.97
CA GLU A 354 -24.07 34.53 -7.90
C GLU A 354 -24.20 33.30 -7.01
N ILE A 355 -24.52 33.52 -5.76
CA ILE A 355 -24.63 32.43 -4.78
C ILE A 355 -25.84 32.64 -3.87
N LYS A 356 -26.21 31.60 -3.13
CA LYS A 356 -27.26 31.68 -2.12
C LYS A 356 -26.64 31.37 -0.78
N SER A 357 -27.15 32.03 0.24
CA SER A 357 -26.61 31.85 1.57
C SER A 357 -26.76 30.40 2.02
N GLY A 358 -25.78 29.88 2.76
CA GLY A 358 -25.88 28.51 3.23
C GLY A 358 -25.44 27.38 2.32
N ALA A 359 -25.19 27.64 1.04
CA ALA A 359 -24.62 26.62 0.18
C ALA A 359 -23.17 26.35 0.57
N CYS A 360 -22.66 25.16 0.25
CA CYS A 360 -21.29 24.83 0.59
C CYS A 360 -20.41 25.05 -0.60
N GLY A 361 -21.03 25.36 -1.73
CA GLY A 361 -20.35 25.73 -2.96
C GLY A 361 -20.93 24.99 -4.15
N THR A 362 -20.18 25.03 -5.25
CA THR A 362 -20.46 24.26 -6.43
C THR A 362 -19.33 23.30 -6.65
N VAL A 363 -19.66 22.05 -7.00
CA VAL A 363 -18.64 21.02 -7.18
C VAL A 363 -17.48 21.54 -8.01
N VAL A 364 -16.25 21.28 -7.56
CA VAL A 364 -15.01 21.67 -8.29
C VAL A 364 -14.94 21.18 -9.74
N ARG A 365 -14.36 22.03 -10.59
CA ARG A 365 -14.11 21.68 -11.99
C ARG A 365 -13.15 20.51 -12.11
N ASN A 366 -13.11 19.92 -13.32
CA ASN A 366 -12.32 18.72 -13.58
C ASN A 366 -12.71 17.60 -12.64
N ALA A 367 -14.00 17.42 -12.41
CA ALA A 367 -14.51 16.37 -11.54
C ALA A 367 -15.96 16.06 -11.89
N GLU A 368 -16.46 14.96 -11.35
CA GLU A 368 -17.88 14.64 -11.49
C GLU A 368 -18.55 14.37 -10.12
N MET A 369 -19.77 14.87 -9.92
CA MET A 369 -20.48 14.60 -8.69
C MET A 369 -21.83 13.93 -8.95
N LYS A 370 -22.21 13.00 -8.10
CA LYS A 370 -23.57 12.46 -8.15
C LYS A 370 -24.12 12.37 -6.72
N ILE A 371 -25.45 12.38 -6.61
CA ILE A 371 -26.15 12.30 -5.33
C ILE A 371 -26.90 11.00 -5.41
N VAL A 372 -26.63 10.08 -4.50
CA VAL A 372 -27.22 8.73 -4.55
C VAL A 372 -28.15 8.50 -3.34
N ASP A 373 -29.37 8.03 -3.59
CA ASP A 373 -30.25 7.63 -2.48
C ASP A 373 -29.69 6.35 -1.86
N PRO A 374 -29.43 6.36 -0.54
CA PRO A 374 -28.78 5.17 0.00
C PRO A 374 -29.69 3.93 0.21
N LYS A 375 -31.00 4.07 0.05
CA LYS A 375 -31.92 2.92 0.24
C LYS A 375 -32.24 2.13 -1.03
N THR A 376 -32.06 2.76 -2.19
CA THR A 376 -32.11 2.05 -3.48
C THR A 376 -30.70 1.88 -4.02
N GLY A 377 -29.94 2.96 -4.01
CA GLY A 377 -28.64 2.96 -4.65
C GLY A 377 -28.67 3.67 -5.99
N ASN A 378 -29.82 4.23 -6.36
CA ASN A 378 -29.97 5.02 -7.63
C ASN A 378 -29.63 6.50 -7.49
N SER A 379 -29.00 7.06 -8.52
CA SER A 379 -28.61 8.44 -8.47
C SER A 379 -29.84 9.33 -8.57
N LEU A 380 -29.75 10.54 -8.00
CA LEU A 380 -30.92 11.41 -7.88
C LEU A 380 -30.87 12.63 -8.80
N PRO A 381 -32.04 13.16 -9.18
CA PRO A 381 -32.04 14.40 -9.95
C PRO A 381 -31.79 15.59 -9.02
N ARG A 382 -31.92 16.81 -9.54
CA ARG A 382 -31.80 18.03 -8.73
C ARG A 382 -32.71 18.07 -7.51
N ASN A 383 -32.40 18.95 -6.57
CA ASN A 383 -33.27 19.25 -5.43
C ASN A 383 -33.78 18.01 -4.64
N GLN A 384 -32.98 16.95 -4.62
CA GLN A 384 -33.32 15.78 -3.80
C GLN A 384 -32.15 15.23 -3.01
N SER A 385 -32.41 14.96 -1.74
CA SER A 385 -31.37 14.60 -0.79
C SER A 385 -30.90 13.17 -0.88
N GLY A 386 -29.59 13.03 -1.09
CA GLY A 386 -28.93 11.74 -1.10
C GLY A 386 -27.47 11.90 -0.70
N GLU A 387 -26.77 10.76 -0.71
CA GLU A 387 -25.35 10.67 -0.43
C GLU A 387 -24.50 11.31 -1.51
N ILE A 388 -23.71 12.32 -1.11
CA ILE A 388 -22.78 13.00 -2.03
C ILE A 388 -21.67 12.06 -2.48
N CYS A 389 -21.49 11.91 -3.79
CA CYS A 389 -20.40 11.10 -4.35
C CYS A 389 -19.58 11.92 -5.32
N ILE A 390 -18.31 11.56 -5.49
CA ILE A 390 -17.39 12.33 -6.34
C ILE A 390 -16.29 11.46 -6.93
N ARG A 391 -15.85 11.82 -8.13
CA ARG A 391 -14.85 11.09 -8.87
C ARG A 391 -13.96 12.15 -9.50
N GLY A 392 -12.65 11.90 -9.48
CA GLY A 392 -11.68 12.76 -10.14
C GLY A 392 -10.28 12.40 -9.69
N ASP A 393 -9.28 13.07 -10.24
CA ASP A 393 -7.87 12.80 -9.91
C ASP A 393 -7.44 13.28 -8.50
N GLN A 394 -8.31 14.00 -7.81
CA GLN A 394 -7.92 14.68 -6.57
C GLN A 394 -8.08 13.79 -5.36
N ILE A 395 -8.86 12.72 -5.48
CA ILE A 395 -9.19 11.95 -4.32
C ILE A 395 -7.98 11.11 -3.86
N MET A 396 -8.07 10.58 -2.63
CA MET A 396 -7.00 9.84 -1.99
C MET A 396 -6.64 8.57 -2.77
N LYS A 397 -5.36 8.16 -2.71
CA LYS A 397 -4.98 6.82 -3.16
C LYS A 397 -5.80 5.76 -2.38
N GLY A 398 -5.96 5.95 -1.06
CA GLY A 398 -6.70 5.04 -0.19
C GLY A 398 -6.35 5.25 1.28
N TYR A 399 -7.09 4.60 2.20
CA TYR A 399 -6.76 4.55 3.64
C TYR A 399 -5.43 3.84 3.93
N LEU A 400 -4.68 4.38 4.88
CA LEU A 400 -3.39 3.79 5.25
C LEU A 400 -3.52 2.37 5.81
N ASN A 401 -2.82 1.42 5.18
CA ASN A 401 -2.85 0.00 5.62
C ASN A 401 -4.26 -0.56 5.72
N ASP A 402 -5.14 -0.22 4.78
CA ASP A 402 -6.56 -0.65 4.87
C ASP A 402 -7.24 -0.62 3.51
N PRO A 403 -6.80 -1.54 2.62
CA PRO A 403 -7.31 -1.63 1.26
C PRO A 403 -8.78 -2.01 1.22
N GLU A 404 -9.23 -2.79 2.20
CA GLU A 404 -10.64 -3.18 2.26
C GLU A 404 -11.55 -1.98 2.54
N ALA A 405 -11.17 -1.10 3.46
CA ALA A 405 -12.01 0.09 3.70
C ALA A 405 -12.00 1.00 2.46
N THR A 406 -10.83 1.18 1.86
CA THR A 406 -10.70 1.91 0.58
C THR A 406 -11.69 1.39 -0.48
N ALA A 407 -11.63 0.09 -0.76
CA ALA A 407 -12.60 -0.60 -1.63
C ALA A 407 -14.09 -0.38 -1.27
N ARG A 408 -14.46 -0.47 0.00
CA ARG A 408 -15.82 -0.11 0.38
C ARG A 408 -16.12 1.38 0.20
N THR A 409 -15.10 2.22 0.12
CA THR A 409 -15.32 3.67 0.13
C THR A 409 -15.28 4.34 -1.24
N ILE A 410 -14.41 3.81 -2.09
CA ILE A 410 -14.29 4.25 -3.48
C ILE A 410 -14.64 3.00 -4.27
N ASP A 411 -15.66 3.07 -5.11
CA ASP A 411 -16.05 1.86 -5.80
C ASP A 411 -15.15 1.64 -7.04
N LYS A 412 -15.40 0.54 -7.75
CA LYS A 412 -14.58 0.18 -8.90
C LYS A 412 -14.77 1.14 -10.08
N GLU A 413 -15.81 1.93 -10.00
CA GLU A 413 -16.01 2.98 -11.00
C GLU A 413 -15.23 4.23 -10.64
N GLY A 414 -14.58 4.22 -9.47
CA GLY A 414 -13.80 5.35 -9.01
C GLY A 414 -14.66 6.45 -8.41
N TRP A 415 -15.85 6.07 -7.95
CA TRP A 415 -16.72 6.95 -7.17
C TRP A 415 -16.41 6.90 -5.68
N LEU A 416 -16.08 8.05 -5.11
CA LEU A 416 -15.90 8.17 -3.65
C LEU A 416 -17.25 8.44 -2.97
N TYR A 417 -17.61 7.62 -2.00
CA TYR A 417 -18.85 7.77 -1.25
C TYR A 417 -18.57 8.47 0.07
N THR A 418 -19.06 9.70 0.23
CA THR A 418 -18.67 10.51 1.38
C THR A 418 -19.30 10.14 2.73
N GLY A 419 -20.49 9.57 2.73
CA GLY A 419 -21.25 9.42 3.99
C GLY A 419 -21.91 10.76 4.35
N ASP A 420 -21.89 11.70 3.40
CA ASP A 420 -22.53 13.00 3.60
C ASP A 420 -23.81 13.03 2.78
N ILE A 421 -24.90 13.53 3.36
CA ILE A 421 -26.17 13.73 2.61
C ILE A 421 -26.29 15.19 2.18
N GLY A 422 -26.71 15.40 0.93
CA GLY A 422 -26.82 16.71 0.33
C GLY A 422 -27.75 16.72 -0.88
N TYR A 423 -27.95 17.89 -1.44
CA TYR A 423 -28.70 18.04 -2.69
C TYR A 423 -28.06 19.17 -3.43
N ILE A 424 -28.17 19.15 -4.77
CA ILE A 424 -27.70 20.23 -5.65
C ILE A 424 -28.91 20.86 -6.29
N ASP A 425 -29.00 22.19 -6.24
CA ASP A 425 -30.20 22.82 -6.74
C ASP A 425 -30.03 23.33 -8.17
N ASP A 426 -30.97 24.15 -8.64
CA ASP A 426 -31.05 24.53 -10.05
C ASP A 426 -29.93 25.46 -10.48
N ASP A 427 -29.26 26.07 -9.50
CA ASP A 427 -28.14 26.92 -9.83
C ASP A 427 -26.78 26.22 -9.65
N ASP A 428 -26.78 24.89 -9.56
CA ASP A 428 -25.57 24.10 -9.30
C ASP A 428 -24.85 24.47 -7.98
N GLU A 429 -25.64 24.92 -7.02
CA GLU A 429 -25.14 25.07 -5.68
C GLU A 429 -25.44 23.80 -4.89
N LEU A 430 -24.47 23.37 -4.08
CA LEU A 430 -24.59 22.23 -3.21
C LEU A 430 -24.94 22.66 -1.78
N PHE A 431 -25.86 21.95 -1.16
CA PHE A 431 -26.22 22.15 0.24
C PHE A 431 -26.01 20.84 0.95
N ILE A 432 -25.43 20.96 2.15
CA ILE A 432 -25.16 19.82 2.96
C ILE A 432 -26.28 19.70 3.99
N VAL A 433 -26.90 18.52 4.05
CA VAL A 433 -27.92 18.28 5.06
C VAL A 433 -27.28 17.90 6.38
N ASP A 434 -26.57 16.79 6.40
CA ASP A 434 -25.74 16.44 7.54
C ASP A 434 -25.05 15.13 7.14
N ARG A 435 -24.29 14.54 8.05
CA ARG A 435 -23.72 13.20 7.83
C ARG A 435 -24.88 12.22 7.90
N LEU A 436 -24.93 11.32 6.95
CA LEU A 436 -25.98 10.32 6.92
C LEU A 436 -26.29 9.75 8.32
N LYS A 437 -25.27 9.35 9.06
CA LYS A 437 -25.49 8.59 10.29
C LYS A 437 -25.85 9.49 11.44
N GLU A 438 -25.80 10.79 11.21
CA GLU A 438 -26.19 11.79 12.20
C GLU A 438 -27.68 12.13 12.05
N LEU A 439 -28.32 11.66 10.98
CA LEU A 439 -29.74 11.99 10.81
C LEU A 439 -30.54 11.37 11.95
N ILE A 440 -31.36 12.19 12.63
CA ILE A 440 -32.13 11.73 13.80
C ILE A 440 -33.41 11.02 13.35
N LYS A 441 -33.65 9.83 13.86
CA LYS A 441 -34.75 8.98 13.35
C LYS A 441 -36.04 9.06 14.20
N TYR A 442 -36.91 9.99 13.80
CA TYR A 442 -38.21 10.24 14.47
C TYR A 442 -39.30 9.63 13.61
N LYS A 443 -39.82 8.50 14.07
CA LYS A 443 -40.70 7.64 13.28
C LYS A 443 -40.14 7.42 11.87
N GLY A 444 -40.91 7.74 10.84
CA GLY A 444 -40.44 7.58 9.47
C GLY A 444 -39.65 8.78 8.97
N PHE A 445 -39.51 9.82 9.81
CA PHE A 445 -38.92 11.09 9.40
C PHE A 445 -37.43 11.13 9.75
N GLN A 446 -36.65 11.84 8.93
CA GLN A 446 -35.22 12.06 9.19
C GLN A 446 -34.89 13.54 9.47
N VAL A 447 -34.47 13.84 10.71
CA VAL A 447 -34.16 15.23 11.14
C VAL A 447 -32.65 15.55 11.12
N ALA A 448 -32.27 16.63 10.44
CA ALA A 448 -30.89 17.05 10.31
C ALA A 448 -30.51 17.87 11.54
N PRO A 449 -29.59 17.32 12.36
CA PRO A 449 -29.15 18.11 13.50
C PRO A 449 -28.65 19.52 13.14
N ALA A 450 -28.04 19.67 11.95
CA ALA A 450 -27.39 20.96 11.58
C ALA A 450 -28.41 22.07 11.27
N GLU A 451 -29.63 21.66 10.86
CA GLU A 451 -30.70 22.58 10.56
C GLU A 451 -31.18 23.21 11.86
N LEU A 452 -31.31 22.39 12.88
CA LEU A 452 -31.75 22.86 14.20
C LEU A 452 -30.66 23.68 14.85
N GLU A 453 -29.43 23.22 14.73
CA GLU A 453 -28.31 23.91 15.32
C GLU A 453 -28.23 25.28 14.70
N ALA A 454 -28.49 25.37 13.39
CA ALA A 454 -28.42 26.65 12.68
C ALA A 454 -29.46 27.58 13.25
N LEU A 455 -30.65 27.07 13.53
CA LEU A 455 -31.68 27.92 14.11
C LEU A 455 -31.38 28.32 15.55
N LEU A 456 -30.82 27.41 16.35
CA LEU A 456 -30.46 27.79 17.71
C LEU A 456 -29.42 28.92 17.71
N LEU A 457 -28.44 28.82 16.82
CA LEU A 457 -27.34 29.79 16.82
C LEU A 457 -27.85 31.18 16.44
N ASN A 458 -29.01 31.26 15.79
CA ASN A 458 -29.68 32.52 15.44
C ASN A 458 -30.22 33.35 16.61
N HIS A 459 -30.46 32.70 17.76
CA HIS A 459 -31.06 33.40 18.89
C HIS A 459 -29.98 34.29 19.50
N PRO A 460 -30.29 35.58 19.74
CA PRO A 460 -29.30 36.49 20.35
C PRO A 460 -28.84 36.04 21.76
N ASN A 461 -29.67 35.25 22.45
CA ASN A 461 -29.31 34.81 23.77
C ASN A 461 -28.69 33.44 23.83
N ILE A 462 -28.38 32.87 22.66
CA ILE A 462 -27.65 31.59 22.60
C ILE A 462 -26.26 31.86 22.00
N SER A 463 -25.21 31.39 22.65
CA SER A 463 -23.84 31.55 22.13
C SER A 463 -23.29 30.30 21.45
N ASP A 464 -23.82 29.11 21.75
CA ASP A 464 -23.33 27.88 21.11
C ASP A 464 -24.36 26.79 21.26
N ALA A 465 -24.27 25.75 20.43
CA ALA A 465 -25.29 24.69 20.49
C ALA A 465 -24.95 23.46 19.69
N ALA A 466 -25.57 22.36 20.05
CA ALA A 466 -25.40 21.09 19.34
C ALA A 466 -26.70 20.34 19.50
N VAL A 467 -27.06 19.55 18.50
CA VAL A 467 -28.26 18.80 18.57
C VAL A 467 -27.87 17.37 18.36
N VAL A 468 -28.41 16.48 19.19
CA VAL A 468 -28.12 15.05 19.09
C VAL A 468 -29.43 14.28 19.28
N PRO A 469 -29.46 13.00 18.91
CA PRO A 469 -30.65 12.19 19.19
C PRO A 469 -30.71 11.70 20.65
N MET A 470 -31.92 11.57 21.20
CA MET A 470 -32.15 10.84 22.47
C MET A 470 -32.95 9.55 22.24
N LYS A 471 -32.73 8.56 23.10
CA LYS A 471 -33.55 7.35 23.12
C LYS A 471 -34.96 7.66 23.61
N ASP A 472 -35.94 7.35 22.79
CA ASP A 472 -37.36 7.58 23.11
C ASP A 472 -38.17 6.32 22.79
N GLU A 473 -39.18 6.06 23.61
CA GLU A 473 -40.00 4.87 23.51
C GLU A 473 -40.70 4.70 22.16
N GLN A 474 -41.55 5.66 21.80
CA GLN A 474 -42.42 5.49 20.63
C GLN A 474 -42.00 6.23 19.35
N ALA A 475 -41.11 7.21 19.48
CA ALA A 475 -40.60 7.94 18.32
C ALA A 475 -39.33 7.31 17.71
N GLY A 476 -38.63 6.50 18.53
CA GLY A 476 -37.36 5.87 18.12
C GLY A 476 -36.23 6.71 18.67
N GLU A 477 -36.03 7.88 18.06
CA GLU A 477 -35.16 8.92 18.61
C GLU A 477 -35.87 10.25 18.53
N VAL A 478 -35.67 11.10 19.53
CA VAL A 478 -36.17 12.48 19.50
C VAL A 478 -35.00 13.47 19.47
N PRO A 479 -35.19 14.62 18.82
CA PRO A 479 -34.09 15.58 18.81
C PRO A 479 -33.98 16.23 20.16
N VAL A 480 -32.76 16.30 20.69
CA VAL A 480 -32.47 17.13 21.85
C VAL A 480 -31.28 18.05 21.58
N ALA A 481 -31.24 19.15 22.34
CA ALA A 481 -30.30 20.21 22.11
C ALA A 481 -29.50 20.54 23.37
N PHE A 482 -28.21 20.85 23.18
CA PHE A 482 -27.32 21.30 24.25
C PHE A 482 -27.02 22.74 23.96
N VAL A 483 -27.29 23.63 24.91
CA VAL A 483 -27.25 25.06 24.66
C VAL A 483 -26.38 25.81 25.65
N VAL A 484 -25.47 26.64 25.13
CA VAL A 484 -24.75 27.60 25.98
C VAL A 484 -25.47 28.94 25.98
N ARG A 485 -25.90 29.42 27.14
CA ARG A 485 -26.55 30.73 27.21
C ARG A 485 -25.55 31.83 27.00
N SER A 486 -25.96 32.91 26.35
CA SER A 486 -25.15 34.15 26.34
C SER A 486 -24.90 34.63 27.75
N ASN A 487 -23.76 35.27 27.93
CA ASN A 487 -23.57 36.08 29.11
C ASN A 487 -24.76 37.03 29.26
N GLY A 488 -25.27 37.13 30.48
CA GLY A 488 -26.44 37.95 30.77
C GLY A 488 -27.77 37.17 30.86
N SER A 489 -28.23 36.67 29.72
CA SER A 489 -29.57 36.05 29.61
C SER A 489 -29.80 34.83 30.51
N THR A 490 -31.05 34.65 30.90
CA THR A 490 -31.46 33.42 31.55
C THR A 490 -32.59 32.77 30.74
N ILE A 491 -32.33 32.51 29.47
CA ILE A 491 -33.32 31.90 28.59
C ILE A 491 -33.71 30.51 29.12
N THR A 492 -35.00 30.22 29.06
CA THR A 492 -35.50 28.96 29.64
C THR A 492 -35.60 27.80 28.63
N GLU A 493 -35.66 26.57 29.15
CA GLU A 493 -35.88 25.41 28.31
C GLU A 493 -37.09 25.68 27.40
N ASP A 494 -38.23 26.09 27.97
CA ASP A 494 -39.44 26.32 27.16
C ASP A 494 -39.33 27.50 26.21
N GLU A 495 -38.59 28.53 26.61
CA GLU A 495 -38.28 29.59 25.66
C GLU A 495 -37.54 29.04 24.44
N VAL A 496 -36.56 28.17 24.69
CA VAL A 496 -35.81 27.53 23.61
C VAL A 496 -36.71 26.67 22.75
N LYS A 497 -37.48 25.79 23.36
CA LYS A 497 -38.32 24.86 22.62
C LYS A 497 -39.36 25.58 21.77
N ASP A 498 -39.96 26.65 22.32
CA ASP A 498 -41.05 27.38 21.64
C ASP A 498 -40.49 28.20 20.48
N PHE A 499 -39.35 28.84 20.72
CA PHE A 499 -38.54 29.45 19.67
C PHE A 499 -38.33 28.48 18.49
N ILE A 500 -37.77 27.29 18.72
CA ILE A 500 -37.68 26.29 17.63
C ILE A 500 -39.04 25.90 17.02
N SER A 501 -40.03 25.65 17.88
CA SER A 501 -41.35 25.12 17.48
C SER A 501 -42.09 26.00 16.47
N LYS A 502 -42.02 27.31 16.65
CA LYS A 502 -42.64 28.31 15.77
C LYS A 502 -42.10 28.27 14.35
N GLN A 503 -40.85 27.78 14.17
CA GLN A 503 -40.11 27.90 12.90
C GLN A 503 -40.11 26.64 12.06
N VAL A 504 -40.39 25.48 12.66
CA VAL A 504 -40.23 24.17 11.98
C VAL A 504 -41.45 23.27 11.97
N ILE A 505 -41.47 22.39 10.97
CA ILE A 505 -42.44 21.26 10.88
C ILE A 505 -42.35 20.36 12.14
N PHE A 506 -43.49 19.85 12.57
CA PHE A 506 -43.63 19.27 13.91
C PHE A 506 -42.56 18.24 14.34
N TYR A 507 -42.08 17.43 13.40
CA TYR A 507 -41.16 16.35 13.77
C TYR A 507 -39.73 16.84 14.01
N LYS A 508 -39.49 18.12 13.72
CA LYS A 508 -38.20 18.75 13.98
C LYS A 508 -38.14 19.42 15.35
N ARG A 509 -39.24 19.42 16.12
CA ARG A 509 -39.26 20.03 17.46
C ARG A 509 -38.24 19.42 18.40
N ILE A 510 -37.71 20.26 19.30
CA ILE A 510 -36.73 19.85 20.32
C ILE A 510 -37.51 19.28 21.51
N LYS A 511 -37.22 18.04 21.92
CA LYS A 511 -37.91 17.51 23.10
C LYS A 511 -37.32 17.97 24.46
N ARG A 512 -36.01 18.03 24.56
CA ARG A 512 -35.34 18.44 25.79
C ARG A 512 -34.21 19.37 25.43
N VAL A 513 -33.98 20.40 26.25
CA VAL A 513 -32.73 21.14 26.15
C VAL A 513 -31.94 21.09 27.45
N PHE A 514 -30.63 20.83 27.31
CA PHE A 514 -29.69 20.84 28.42
C PHE A 514 -28.74 22.03 28.33
N PHE A 515 -28.72 22.87 29.36
CA PHE A 515 -27.81 24.02 29.40
C PHE A 515 -26.45 23.60 29.92
N VAL A 516 -25.40 24.09 29.25
CA VAL A 516 -24.01 23.74 29.52
C VAL A 516 -23.12 24.96 29.37
N ASP A 517 -21.85 24.82 29.74
CA ASP A 517 -20.93 25.94 29.66
C ASP A 517 -20.22 25.91 28.30
N ALA A 518 -20.15 24.75 27.66
CA ALA A 518 -19.39 24.61 26.41
C ALA A 518 -19.89 23.47 25.54
N ILE A 519 -19.67 23.61 24.24
CA ILE A 519 -19.88 22.57 23.26
C ILE A 519 -18.49 22.15 22.81
N PRO A 520 -18.19 20.83 22.88
CA PRO A 520 -16.91 20.29 22.45
C PRO A 520 -16.74 20.28 20.92
N LYS A 521 -15.56 20.70 20.46
CA LYS A 521 -15.24 20.82 19.05
C LYS A 521 -13.82 20.36 18.80
N SER A 522 -13.59 19.72 17.65
CA SER A 522 -12.24 19.48 17.20
C SER A 522 -11.50 20.81 17.00
N PRO A 523 -10.16 20.78 17.06
CA PRO A 523 -9.34 21.89 16.60
C PRO A 523 -9.69 22.29 15.16
N SER A 524 -10.03 21.31 14.33
CA SER A 524 -10.38 21.53 12.93
C SER A 524 -11.79 22.09 12.73
N GLY A 525 -12.53 22.35 13.80
CA GLY A 525 -13.79 23.12 13.73
C GLY A 525 -15.12 22.38 13.68
N LYS A 526 -15.10 21.07 13.92
CA LYS A 526 -16.32 20.23 13.86
C LYS A 526 -16.86 19.91 15.26
N ILE A 527 -18.18 20.02 15.41
CA ILE A 527 -18.86 19.72 16.64
C ILE A 527 -18.69 18.24 16.95
N LEU A 528 -18.33 17.94 18.19
CA LEU A 528 -18.11 16.54 18.59
C LEU A 528 -19.40 15.93 19.18
N ARG A 529 -20.35 15.65 18.28
CA ARG A 529 -21.67 15.17 18.64
C ARG A 529 -21.67 13.89 19.46
N LYS A 530 -20.85 12.92 19.03
CA LYS A 530 -20.67 11.67 19.77
C LYS A 530 -20.33 11.88 21.27
N ASP A 531 -19.48 12.87 21.59
CA ASP A 531 -19.12 13.15 22.99
C ASP A 531 -20.34 13.59 23.76
N LEU A 532 -21.22 14.28 23.07
CA LEU A 532 -22.46 14.67 23.71
C LEU A 532 -23.43 13.48 23.84
N ARG A 533 -23.52 12.59 22.85
CA ARG A 533 -24.32 11.36 23.05
C ARG A 533 -23.88 10.63 24.34
N ALA A 534 -22.58 10.42 24.51
CA ALA A 534 -22.03 9.75 25.70
C ALA A 534 -22.41 10.43 27.02
N LYS A 535 -22.44 11.76 27.04
CA LYS A 535 -22.95 12.52 28.18
C LYS A 535 -24.43 12.19 28.48
N LEU A 536 -25.20 11.91 27.43
CA LEU A 536 -26.63 11.61 27.53
C LEU A 536 -26.88 10.15 27.97
N ALA A 537 -26.19 9.23 27.33
CA ALA A 537 -26.09 7.83 27.76
C ALA A 537 -25.26 7.70 29.04
N VAL B 8 12.92 -2.29 -33.51
CA VAL B 8 12.19 -3.54 -33.93
C VAL B 8 12.71 -4.82 -33.26
N ASP B 9 11.82 -5.45 -32.50
CA ASP B 9 12.20 -6.51 -31.56
C ASP B 9 12.23 -7.91 -32.19
N ILE B 10 13.26 -8.67 -31.87
CA ILE B 10 13.29 -10.10 -32.24
C ILE B 10 12.59 -10.87 -31.12
N ILE B 11 11.47 -11.49 -31.48
CA ILE B 11 10.55 -12.09 -30.54
C ILE B 11 10.63 -13.62 -30.63
N PHE B 12 10.78 -14.27 -29.48
CA PHE B 12 10.79 -15.73 -29.36
C PHE B 12 9.54 -16.22 -28.64
N ARG B 13 9.09 -17.43 -29.00
CA ARG B 13 7.82 -17.99 -28.52
C ARG B 13 7.99 -19.51 -28.28
N SER B 14 6.99 -20.09 -27.62
CA SER B 14 6.94 -21.53 -27.41
C SER B 14 6.92 -22.29 -28.73
N LYS B 15 7.50 -23.48 -28.75
CA LYS B 15 7.30 -24.42 -29.87
C LYS B 15 5.88 -25.10 -29.81
N LEU B 16 5.23 -25.04 -28.64
CA LEU B 16 3.79 -25.38 -28.50
C LEU B 16 2.94 -24.20 -28.98
N PRO B 17 1.72 -24.46 -29.51
CA PRO B 17 0.85 -23.36 -29.99
C PRO B 17 0.16 -22.65 -28.83
N ASP B 18 -0.27 -21.40 -29.01
CA ASP B 18 -1.10 -20.77 -28.00
C ASP B 18 -2.43 -21.55 -27.79
N ILE B 19 -3.01 -21.41 -26.60
CA ILE B 19 -4.26 -22.07 -26.24
C ILE B 19 -5.23 -21.09 -25.53
N TYR B 20 -6.49 -21.49 -25.42
CA TYR B 20 -7.44 -20.73 -24.71
C TYR B 20 -7.17 -20.84 -23.22
N ILE B 21 -6.97 -19.69 -22.57
CA ILE B 21 -6.79 -19.66 -21.11
C ILE B 21 -8.00 -18.96 -20.48
N PRO B 22 -8.77 -19.71 -19.68
CA PRO B 22 -9.96 -19.12 -19.08
C PRO B 22 -9.60 -18.27 -17.88
N ASN B 23 -8.78 -17.23 -18.10
CA ASN B 23 -8.35 -16.38 -16.99
C ASN B 23 -9.31 -15.28 -16.58
N HIS B 24 -10.57 -15.38 -16.97
CA HIS B 24 -11.65 -14.60 -16.33
C HIS B 24 -12.11 -15.29 -15.02
N LEU B 25 -11.69 -16.54 -14.81
CA LEU B 25 -12.11 -17.31 -13.63
C LEU B 25 -11.30 -16.96 -12.36
N PRO B 26 -11.96 -16.99 -11.18
CA PRO B 26 -11.13 -16.96 -9.98
C PRO B 26 -10.23 -18.18 -9.87
N LEU B 27 -9.09 -17.99 -9.23
CA LEU B 27 -8.10 -19.03 -9.06
C LEU B 27 -8.71 -20.33 -8.48
N HIS B 28 -9.59 -20.21 -7.49
CA HIS B 28 -10.19 -21.37 -6.87
C HIS B 28 -11.09 -22.11 -7.85
N SER B 29 -11.94 -21.35 -8.58
CA SER B 29 -12.88 -21.92 -9.58
C SER B 29 -12.14 -22.57 -10.73
N TYR B 30 -11.04 -21.95 -11.11
CA TYR B 30 -10.21 -22.50 -12.14
C TYR B 30 -9.51 -23.77 -11.64
N CYS B 31 -8.88 -23.72 -10.46
CA CYS B 31 -8.19 -24.92 -9.95
C CYS B 31 -9.09 -26.15 -9.76
N PHE B 32 -10.34 -25.94 -9.38
CA PHE B 32 -11.29 -27.01 -9.14
C PHE B 32 -12.24 -27.18 -10.33
N GLU B 33 -11.92 -26.59 -11.48
CA GLU B 33 -12.87 -26.65 -12.55
C GLU B 33 -13.34 -28.08 -12.90
N ASN B 34 -12.43 -29.05 -12.81
CA ASN B 34 -12.72 -30.39 -13.29
C ASN B 34 -12.80 -31.37 -12.14
N ILE B 35 -13.05 -30.83 -10.94
CA ILE B 35 -13.08 -31.65 -9.72
C ILE B 35 -14.06 -32.85 -9.80
N SER B 36 -15.14 -32.74 -10.57
CA SER B 36 -16.10 -33.84 -10.55
C SER B 36 -15.59 -35.13 -11.24
N GLU B 37 -14.52 -35.00 -12.03
CA GLU B 37 -13.85 -36.14 -12.67
C GLU B 37 -12.92 -36.90 -11.73
N PHE B 38 -12.52 -36.27 -10.63
CA PHE B 38 -11.57 -36.91 -9.69
C PHE B 38 -11.88 -36.56 -8.24
N SER B 39 -13.14 -36.23 -8.05
CA SER B 39 -13.72 -35.90 -6.77
C SER B 39 -13.26 -36.77 -5.58
N SER B 40 -13.26 -38.07 -5.80
CA SER B 40 -12.99 -39.02 -4.73
C SER B 40 -11.48 -39.37 -4.67
N ARG B 41 -10.69 -38.85 -5.60
CA ARG B 41 -9.25 -39.10 -5.57
C ARG B 41 -8.51 -38.36 -4.42
N PRO B 42 -7.36 -38.91 -3.98
CA PRO B 42 -6.56 -38.24 -2.99
C PRO B 42 -6.00 -36.93 -3.53
N CYS B 43 -6.01 -35.90 -2.69
CA CYS B 43 -5.61 -34.55 -3.10
C CYS B 43 -4.40 -34.10 -2.29
N LEU B 44 -4.54 -34.10 -0.97
CA LEU B 44 -3.42 -33.83 -0.08
C LEU B 44 -3.10 -35.06 0.75
N ILE B 45 -1.85 -35.53 0.67
CA ILE B 45 -1.38 -36.57 1.57
C ILE B 45 -0.34 -35.95 2.52
N ASN B 46 -0.66 -35.99 3.80
CA ASN B 46 0.24 -35.55 4.86
C ASN B 46 1.21 -36.68 5.10
N GLY B 47 2.43 -36.54 4.56
CA GLY B 47 3.46 -37.59 4.63
C GLY B 47 3.90 -37.95 6.05
N ALA B 48 3.86 -36.97 6.95
CA ALA B 48 4.16 -37.19 8.37
C ALA B 48 3.26 -38.22 9.07
N ASN B 49 1.93 -38.07 8.98
CA ASN B 49 0.96 -38.90 9.72
C ASN B 49 0.03 -39.73 8.83
N LYS B 50 0.31 -39.72 7.54
CA LYS B 50 -0.40 -40.54 6.55
C LYS B 50 -1.90 -40.20 6.32
N GLN B 51 -2.39 -39.09 6.89
CA GLN B 51 -3.78 -38.64 6.64
C GLN B 51 -3.97 -38.22 5.17
N ILE B 52 -5.10 -38.63 4.60
CA ILE B 52 -5.49 -38.28 3.22
C ILE B 52 -6.74 -37.37 3.18
N TYR B 53 -6.64 -36.25 2.47
CA TYR B 53 -7.81 -35.45 2.14
C TYR B 53 -8.09 -35.68 0.70
N THR B 54 -9.31 -36.14 0.38
CA THR B 54 -9.72 -36.29 -1.02
C THR B 54 -9.94 -34.91 -1.63
N TYR B 55 -10.12 -34.84 -2.97
CA TYR B 55 -10.48 -33.57 -3.63
C TYR B 55 -11.76 -32.97 -3.07
N ALA B 56 -12.82 -33.77 -2.98
CA ALA B 56 -14.01 -33.38 -2.24
C ALA B 56 -13.66 -32.75 -0.87
N ASP B 57 -12.82 -33.41 -0.06
CA ASP B 57 -12.50 -32.90 1.26
C ASP B 57 -11.87 -31.52 1.16
N VAL B 58 -11.02 -31.33 0.15
CA VAL B 58 -10.22 -30.14 0.02
C VAL B 58 -11.07 -28.97 -0.46
N GLU B 59 -12.01 -29.23 -1.34
CA GLU B 59 -12.92 -28.15 -1.73
C GLU B 59 -13.78 -27.80 -0.53
N LEU B 60 -14.28 -28.83 0.14
CA LEU B 60 -15.16 -28.64 1.27
C LEU B 60 -14.51 -27.84 2.37
N ASN B 61 -13.24 -28.15 2.70
CA ASN B 61 -12.54 -27.53 3.81
C ASN B 61 -12.10 -26.11 3.49
N SER B 62 -11.82 -25.87 2.22
CA SER B 62 -11.50 -24.55 1.71
C SER B 62 -12.75 -23.66 1.82
N ARG B 63 -13.90 -24.19 1.43
CA ARG B 63 -15.10 -23.40 1.48
C ARG B 63 -15.41 -23.07 2.92
N LYS B 64 -15.32 -24.08 3.79
CA LYS B 64 -15.51 -23.88 5.22
C LYS B 64 -14.58 -22.81 5.80
N VAL B 65 -13.30 -22.86 5.41
CA VAL B 65 -12.35 -21.90 5.95
C VAL B 65 -12.69 -20.46 5.52
N ALA B 66 -13.06 -20.30 4.25
CA ALA B 66 -13.57 -19.06 3.73
C ALA B 66 -14.71 -18.56 4.62
N ALA B 67 -15.76 -19.35 4.74
CA ALA B 67 -16.87 -18.97 5.62
C ALA B 67 -16.33 -18.55 7.00
N GLY B 68 -15.42 -19.33 7.57
CA GLY B 68 -14.84 -19.00 8.89
C GLY B 68 -14.05 -17.72 8.89
N LEU B 69 -13.29 -17.49 7.82
CA LEU B 69 -12.53 -16.27 7.72
C LEU B 69 -13.46 -15.08 7.63
N HIS B 70 -14.57 -15.25 6.92
CA HIS B 70 -15.59 -14.22 6.82
C HIS B 70 -16.06 -13.89 8.23
N LYS B 71 -16.48 -14.91 8.98
CA LYS B 71 -16.98 -14.70 10.34
C LYS B 71 -15.97 -13.91 11.18
N GLN B 72 -14.68 -14.16 10.96
CA GLN B 72 -13.63 -13.43 11.68
C GLN B 72 -13.35 -12.00 11.16
N GLY B 73 -14.09 -11.55 10.16
CA GLY B 73 -13.98 -10.19 9.66
C GLY B 73 -13.21 -9.98 8.37
N ILE B 74 -12.84 -11.06 7.66
CA ILE B 74 -12.14 -10.92 6.38
C ILE B 74 -13.13 -10.57 5.25
N GLN B 75 -12.77 -9.53 4.52
CA GLN B 75 -13.62 -8.94 3.50
C GLN B 75 -12.82 -8.90 2.19
N PRO B 76 -13.51 -8.70 1.04
CA PRO B 76 -12.76 -8.49 -0.18
C PRO B 76 -11.64 -7.47 0.02
N LYS B 77 -10.45 -7.89 -0.43
CA LYS B 77 -9.21 -7.09 -0.45
C LYS B 77 -8.50 -6.92 0.90
N ASP B 78 -9.03 -7.58 1.93
CA ASP B 78 -8.27 -7.78 3.14
C ASP B 78 -7.13 -8.76 2.79
N THR B 79 -6.05 -8.70 3.57
CA THR B 79 -4.96 -9.63 3.44
C THR B 79 -4.80 -10.48 4.70
N ILE B 80 -4.42 -11.75 4.49
CA ILE B 80 -4.04 -12.59 5.58
C ILE B 80 -2.63 -13.04 5.35
N MET B 81 -1.89 -13.25 6.43
CA MET B 81 -0.54 -13.75 6.30
C MET B 81 -0.59 -15.22 6.67
N ILE B 82 0.06 -16.05 5.88
CA ILE B 82 0.19 -17.47 6.21
C ILE B 82 1.62 -17.61 6.63
N LEU B 83 1.85 -18.15 7.82
CA LEU B 83 3.22 -18.29 8.33
C LEU B 83 3.33 -19.73 8.81
N LEU B 84 3.46 -20.63 7.85
CA LEU B 84 3.27 -22.05 8.11
C LEU B 84 4.27 -22.88 7.32
N PRO B 85 4.70 -24.01 7.86
CA PRO B 85 5.42 -24.90 6.96
C PRO B 85 4.40 -25.64 6.03
N ASN B 86 4.86 -26.44 5.06
CA ASN B 86 3.92 -27.20 4.21
C ASN B 86 2.98 -28.04 5.09
N SER B 87 1.68 -27.98 4.79
CA SER B 87 0.62 -28.52 5.66
C SER B 87 -0.71 -28.31 4.93
N PRO B 88 -1.69 -29.21 5.17
CA PRO B 88 -2.99 -29.01 4.54
C PRO B 88 -3.58 -27.66 4.90
N GLU B 89 -3.40 -27.21 6.14
CA GLU B 89 -3.91 -25.90 6.57
C GLU B 89 -3.39 -24.74 5.72
N PHE B 90 -2.17 -24.87 5.22
CA PHE B 90 -1.68 -23.88 4.33
C PHE B 90 -2.65 -23.78 3.12
N VAL B 91 -2.93 -24.90 2.50
CA VAL B 91 -3.82 -24.95 1.34
C VAL B 91 -5.18 -24.36 1.67
N PHE B 92 -5.81 -24.81 2.75
CA PHE B 92 -7.15 -24.31 3.07
C PHE B 92 -7.16 -22.81 3.31
N ALA B 93 -6.13 -22.29 3.98
CA ALA B 93 -6.01 -20.86 4.25
C ALA B 93 -5.90 -20.08 2.95
N PHE B 94 -5.04 -20.57 2.05
CA PHE B 94 -4.78 -19.88 0.81
C PHE B 94 -6.03 -19.82 -0.06
N ILE B 95 -6.68 -20.98 -0.21
CA ILE B 95 -7.79 -21.13 -1.13
C ILE B 95 -9.00 -20.47 -0.51
N GLY B 96 -9.12 -20.64 0.81
CA GLY B 96 -10.18 -20.00 1.57
C GLY B 96 -10.19 -18.49 1.38
N ALA B 97 -9.03 -17.83 1.52
CA ALA B 97 -8.96 -16.36 1.35
C ALA B 97 -9.39 -16.04 -0.07
N SER B 98 -8.96 -16.89 -1.01
CA SER B 98 -9.29 -16.68 -2.41
C SER B 98 -10.78 -16.61 -2.61
N TYR B 99 -11.53 -17.57 -2.01
CA TYR B 99 -13.00 -17.59 -2.08
C TYR B 99 -13.64 -16.28 -1.62
N LEU B 100 -12.93 -15.48 -0.84
CA LEU B 100 -13.48 -14.22 -0.29
C LEU B 100 -13.08 -12.98 -1.07
N GLY B 101 -12.31 -13.17 -2.14
CA GLY B 101 -11.68 -12.04 -2.80
C GLY B 101 -10.67 -11.39 -1.88
N ALA B 102 -10.11 -12.18 -0.96
CA ALA B 102 -9.06 -11.71 -0.04
C ALA B 102 -7.72 -12.07 -0.63
N ILE B 103 -6.65 -11.65 0.06
CA ILE B 103 -5.28 -11.90 -0.38
C ILE B 103 -4.49 -12.71 0.64
N SER B 104 -3.62 -13.61 0.19
CA SER B 104 -2.66 -14.26 1.09
C SER B 104 -1.22 -13.81 0.87
N THR B 105 -0.59 -13.31 1.92
CA THR B 105 0.83 -13.13 1.82
C THR B 105 1.41 -14.32 2.60
N MET B 106 2.47 -14.92 2.07
CA MET B 106 3.10 -16.09 2.67
C MET B 106 4.47 -15.69 3.16
N ALA B 107 4.74 -15.95 4.42
CA ALA B 107 6.03 -15.66 5.01
C ALA B 107 6.82 -16.93 5.35
N ASN B 108 8.14 -16.88 5.10
CA ASN B 108 9.09 -17.87 5.59
C ASN B 108 8.96 -18.05 7.11
N PRO B 109 8.74 -19.30 7.58
CA PRO B 109 8.59 -19.52 9.03
C PRO B 109 9.89 -19.37 9.83
N LEU B 110 11.03 -19.35 9.16
CA LEU B 110 12.26 -19.16 9.90
C LEU B 110 12.61 -17.70 10.04
N PHE B 111 11.72 -16.81 9.56
CA PHE B 111 11.97 -15.38 9.68
C PHE B 111 12.28 -15.01 11.13
N THR B 112 13.14 -14.01 11.31
CA THR B 112 13.30 -13.41 12.63
C THR B 112 11.98 -12.71 12.99
N PRO B 113 11.72 -12.49 14.28
CA PRO B 113 10.54 -11.70 14.60
C PRO B 113 10.49 -10.38 13.83
N ALA B 114 11.66 -9.79 13.58
CA ALA B 114 11.77 -8.50 12.88
C ALA B 114 11.18 -8.63 11.48
N GLU B 115 11.55 -9.73 10.84
CA GLU B 115 11.15 -10.04 9.47
C GLU B 115 9.64 -10.34 9.38
N VAL B 116 9.14 -11.22 10.25
CA VAL B 116 7.71 -11.53 10.28
C VAL B 116 6.86 -10.26 10.41
N VAL B 117 7.17 -9.45 11.42
CA VAL B 117 6.48 -8.18 11.68
C VAL B 117 6.54 -7.23 10.47
N LYS B 118 7.71 -7.19 9.82
CA LYS B 118 7.94 -6.34 8.65
C LYS B 118 7.01 -6.69 7.51
N GLN B 119 6.95 -7.98 7.17
CA GLN B 119 6.04 -8.44 6.11
C GLN B 119 4.57 -8.28 6.52
N ALA B 120 4.22 -8.67 7.75
CA ALA B 120 2.87 -8.42 8.27
C ALA B 120 2.41 -6.95 8.18
N LYS B 121 3.30 -5.99 8.49
CA LYS B 121 2.95 -4.57 8.44
C LYS B 121 2.84 -4.07 7.00
N ALA B 122 3.85 -4.40 6.20
CA ALA B 122 3.86 -3.94 4.84
C ALA B 122 2.62 -4.42 4.07
N SER B 123 2.11 -5.62 4.37
CA SER B 123 0.96 -6.17 3.64
C SER B 123 -0.37 -5.89 4.33
N SER B 124 -0.28 -5.23 5.48
CA SER B 124 -1.42 -4.97 6.37
C SER B 124 -2.32 -6.19 6.63
N ALA B 125 -1.69 -7.32 6.98
CA ALA B 125 -2.39 -8.56 7.33
C ALA B 125 -3.35 -8.32 8.48
N LYS B 126 -4.58 -8.79 8.34
CA LYS B 126 -5.57 -8.69 9.40
C LYS B 126 -5.65 -9.97 10.23
N ILE B 127 -5.13 -11.06 9.70
CA ILE B 127 -5.07 -12.34 10.40
C ILE B 127 -3.76 -12.99 10.03
N ILE B 128 -3.12 -13.57 11.03
CA ILE B 128 -1.92 -14.38 10.85
C ILE B 128 -2.29 -15.83 11.20
N VAL B 129 -2.13 -16.73 10.23
CA VAL B 129 -2.34 -18.15 10.47
C VAL B 129 -0.96 -18.75 10.67
N THR B 130 -0.72 -19.35 11.83
CA THR B 130 0.60 -19.86 12.08
C THR B 130 0.56 -21.10 12.97
N GLN B 131 1.72 -21.41 13.55
CA GLN B 131 1.85 -22.46 14.56
C GLN B 131 2.19 -21.82 15.89
N ALA B 132 1.91 -22.54 16.97
CA ALA B 132 2.10 -21.98 18.29
C ALA B 132 3.51 -21.42 18.44
N CYS B 133 4.50 -22.17 17.96
CA CYS B 133 5.89 -21.81 18.23
C CYS B 133 6.26 -20.40 17.78
N HIS B 134 5.49 -19.83 16.85
CA HIS B 134 5.83 -18.55 16.21
C HIS B 134 5.05 -17.41 16.83
N VAL B 135 4.09 -17.76 17.68
CA VAL B 135 3.15 -16.78 18.20
C VAL B 135 3.82 -15.54 18.79
N ASN B 136 4.82 -15.73 19.67
CA ASN B 136 5.50 -14.58 20.28
C ASN B 136 6.54 -13.91 19.40
N LYS B 137 6.67 -14.34 18.16
CA LYS B 137 7.42 -13.57 17.16
C LYS B 137 6.55 -12.38 16.72
N VAL B 138 5.23 -12.55 16.86
CA VAL B 138 4.26 -11.56 16.39
C VAL B 138 3.29 -11.05 17.44
N LYS B 139 3.30 -11.65 18.64
CA LYS B 139 2.32 -11.37 19.69
C LYS B 139 2.00 -9.87 19.88
N ASP B 140 3.04 -9.11 20.26
CA ASP B 140 2.93 -7.69 20.56
C ASP B 140 2.40 -6.90 19.40
N TYR B 141 3.04 -7.06 18.24
CA TYR B 141 2.58 -6.39 17.03
C TYR B 141 1.09 -6.65 16.79
N ALA B 142 0.67 -7.90 16.88
CA ALA B 142 -0.73 -8.24 16.63
C ALA B 142 -1.73 -7.60 17.61
N PHE B 143 -1.33 -7.49 18.87
CA PHE B 143 -2.19 -6.93 19.92
C PHE B 143 -2.40 -5.43 19.73
N GLU B 144 -1.34 -4.76 19.29
CA GLU B 144 -1.35 -3.33 19.08
C GLU B 144 -2.06 -2.94 17.81
N ASN B 145 -2.61 -3.91 17.09
CA ASN B 145 -3.17 -3.64 15.77
C ASN B 145 -4.45 -4.38 15.48
N ASP B 146 -4.97 -5.09 16.47
CA ASP B 146 -6.16 -5.94 16.31
C ASP B 146 -6.00 -6.95 15.17
N VAL B 147 -4.82 -7.55 15.07
CA VAL B 147 -4.58 -8.65 14.16
C VAL B 147 -4.88 -9.95 14.90
N LYS B 148 -5.75 -10.78 14.36
CA LYS B 148 -6.06 -12.07 15.02
C LYS B 148 -4.97 -13.10 14.74
N ILE B 149 -4.78 -14.02 15.65
CA ILE B 149 -3.74 -15.02 15.48
C ILE B 149 -4.37 -16.37 15.60
N ILE B 150 -4.20 -17.17 14.57
CA ILE B 150 -4.87 -18.43 14.49
C ILE B 150 -3.79 -19.48 14.36
N CYS B 151 -3.79 -20.45 15.24
CA CYS B 151 -2.77 -21.47 15.29
C CYS B 151 -3.36 -22.77 14.84
N ILE B 152 -2.56 -23.56 14.13
CA ILE B 152 -3.07 -24.82 13.55
C ILE B 152 -2.85 -26.01 14.47
N ASP B 153 -2.06 -25.80 15.53
CA ASP B 153 -1.68 -26.86 16.45
C ASP B 153 -2.23 -26.64 17.88
N SER B 154 -1.68 -25.68 18.62
CA SER B 154 -2.38 -25.23 19.83
C SER B 154 -2.46 -23.71 20.00
N ALA B 155 -3.49 -23.26 20.70
CA ALA B 155 -3.84 -21.83 20.85
C ALA B 155 -3.49 -21.30 22.24
N PRO B 156 -2.34 -20.63 22.37
CA PRO B 156 -1.97 -19.96 23.62
C PRO B 156 -2.83 -18.72 23.89
N GLU B 157 -2.55 -18.03 25.00
CA GLU B 157 -3.11 -16.70 25.37
C GLU B 157 -3.38 -15.71 24.23
N GLY B 158 -4.67 -15.40 24.02
CA GLY B 158 -5.06 -14.40 23.02
C GLY B 158 -5.04 -14.88 21.57
N CYS B 159 -4.88 -16.20 21.35
CA CYS B 159 -4.90 -16.80 20.01
C CYS B 159 -6.14 -17.63 19.79
N LEU B 160 -6.51 -17.81 18.52
CA LEU B 160 -7.60 -18.75 18.10
C LEU B 160 -7.00 -20.04 17.56
N HIS B 161 -7.83 -21.08 17.51
CA HIS B 161 -7.42 -22.35 16.90
C HIS B 161 -8.05 -22.50 15.52
N PHE B 162 -7.26 -22.98 14.58
CA PHE B 162 -7.69 -23.19 13.18
C PHE B 162 -9.01 -24.00 13.03
N SER B 163 -9.27 -24.92 13.95
CA SER B 163 -10.56 -25.60 13.95
C SER B 163 -11.75 -24.64 14.12
N VAL B 164 -11.55 -23.43 14.63
CA VAL B 164 -12.65 -22.44 14.65
C VAL B 164 -13.08 -22.05 13.23
N LEU B 165 -12.10 -22.03 12.32
CA LEU B 165 -12.36 -21.73 10.90
C LEU B 165 -13.09 -22.90 10.20
N THR B 166 -12.69 -24.13 10.50
CA THR B 166 -13.36 -25.30 9.91
C THR B 166 -14.75 -25.60 10.51
N GLN B 167 -15.14 -24.96 11.61
CA GLN B 167 -16.49 -25.17 12.21
C GLN B 167 -17.59 -24.49 11.42
N ALA B 168 -17.21 -23.63 10.47
CA ALA B 168 -18.17 -22.79 9.75
C ALA B 168 -18.85 -23.57 8.64
N ASN B 169 -19.99 -23.06 8.20
CA ASN B 169 -20.73 -23.70 7.14
C ASN B 169 -20.28 -23.28 5.76
N GLU B 170 -20.11 -24.27 4.87
CA GLU B 170 -19.60 -24.07 3.49
C GLU B 170 -20.45 -23.17 2.60
N HIS B 171 -21.75 -23.10 2.84
CA HIS B 171 -22.60 -22.17 2.06
C HIS B 171 -22.84 -20.81 2.73
N ASP B 172 -22.08 -20.53 3.78
CA ASP B 172 -22.03 -19.19 4.37
C ASP B 172 -20.95 -18.30 3.75
N ILE B 173 -20.42 -18.71 2.60
CA ILE B 173 -19.57 -17.81 1.84
C ILE B 173 -20.43 -16.68 1.28
N PRO B 174 -20.09 -15.43 1.64
CA PRO B 174 -20.83 -14.26 1.11
C PRO B 174 -20.69 -14.16 -0.41
N GLU B 175 -21.63 -13.49 -1.06
CA GLU B 175 -21.47 -13.09 -2.46
C GLU B 175 -20.35 -12.08 -2.57
N VAL B 176 -19.57 -12.21 -3.64
CA VAL B 176 -18.45 -11.33 -3.88
C VAL B 176 -18.24 -11.18 -5.40
N GLU B 177 -17.90 -9.98 -5.85
CA GLU B 177 -17.53 -9.76 -7.25
C GLU B 177 -16.02 -9.76 -7.35
N ILE B 178 -15.46 -10.78 -7.99
CA ILE B 178 -14.01 -10.88 -8.14
C ILE B 178 -13.59 -10.45 -9.57
N GLN B 179 -12.74 -9.43 -9.65
CA GLN B 179 -12.17 -8.99 -10.92
C GLN B 179 -10.94 -9.87 -11.20
N PRO B 180 -10.64 -10.13 -12.48
CA PRO B 180 -9.45 -10.91 -12.80
C PRO B 180 -8.15 -10.26 -12.34
N ASP B 181 -8.12 -8.92 -12.34
CA ASP B 181 -6.94 -8.16 -11.92
C ASP B 181 -6.88 -7.90 -10.41
N ASP B 182 -7.80 -8.51 -9.65
CA ASP B 182 -7.69 -8.44 -8.21
C ASP B 182 -6.51 -9.32 -7.81
N VAL B 183 -5.74 -8.85 -6.84
CA VAL B 183 -4.63 -9.59 -6.25
C VAL B 183 -5.16 -10.82 -5.47
N VAL B 184 -4.54 -11.99 -5.61
CA VAL B 184 -4.95 -13.15 -4.79
C VAL B 184 -3.80 -13.59 -3.89
N ALA B 185 -2.58 -13.49 -4.40
CA ALA B 185 -1.43 -13.90 -3.60
C ALA B 185 -0.42 -12.78 -3.51
N LEU B 186 0.24 -12.66 -2.36
CA LEU B 186 1.31 -11.68 -2.17
C LEU B 186 2.58 -12.38 -1.69
N PRO B 187 3.26 -13.11 -2.61
CA PRO B 187 4.54 -13.72 -2.24
C PRO B 187 5.63 -12.66 -2.17
N TYR B 188 6.76 -13.01 -1.55
CA TYR B 188 7.93 -12.15 -1.49
C TYR B 188 9.07 -12.81 -2.20
N SER B 189 9.87 -12.00 -2.90
CA SER B 189 11.08 -12.52 -3.54
C SER B 189 11.92 -13.08 -2.40
N SER B 190 12.77 -14.05 -2.73
CA SER B 190 13.60 -14.82 -1.80
C SER B 190 14.70 -14.07 -1.02
N GLY B 191 14.90 -12.78 -1.32
CA GLY B 191 15.91 -11.94 -0.66
C GLY B 191 17.35 -12.26 -1.05
N THR B 192 17.56 -12.78 -2.25
CA THR B 192 18.90 -13.23 -2.66
C THR B 192 19.87 -12.09 -2.87
N THR B 193 19.42 -10.99 -3.48
CA THR B 193 20.29 -9.83 -3.82
C THR B 193 19.99 -8.58 -2.99
N GLY B 194 19.11 -8.74 -2.00
CA GLY B 194 18.64 -7.61 -1.20
C GLY B 194 17.49 -8.00 -0.30
N LEU B 195 16.76 -6.97 0.12
CA LEU B 195 15.57 -7.13 0.95
C LEU B 195 14.41 -7.66 0.11
N PRO B 196 13.81 -8.79 0.55
CA PRO B 196 12.58 -9.32 -0.03
C PRO B 196 11.61 -8.24 -0.56
N LYS B 197 11.11 -8.42 -1.77
CA LYS B 197 10.19 -7.46 -2.33
C LYS B 197 8.82 -8.08 -2.40
N GLY B 198 7.80 -7.25 -2.15
CA GLY B 198 6.41 -7.70 -2.15
C GLY B 198 5.81 -7.79 -3.55
N VAL B 199 5.35 -8.97 -3.94
CA VAL B 199 4.83 -9.13 -5.30
C VAL B 199 3.34 -9.46 -5.34
N MET B 200 2.56 -8.55 -5.95
CA MET B 200 1.12 -8.70 -6.14
C MET B 200 0.83 -9.51 -7.39
N LEU B 201 0.29 -10.71 -7.17
CA LEU B 201 -0.11 -11.64 -8.22
C LEU B 201 -1.63 -11.83 -8.19
N THR B 202 -2.24 -11.88 -9.38
CA THR B 202 -3.68 -11.76 -9.53
C THR B 202 -4.33 -13.09 -9.85
N HIS B 203 -5.67 -13.14 -9.82
CA HIS B 203 -6.37 -14.31 -10.31
C HIS B 203 -6.06 -14.55 -11.78
N LYS B 204 -6.04 -13.48 -12.57
CA LYS B 204 -5.74 -13.55 -14.00
C LYS B 204 -4.35 -14.15 -14.22
N GLY B 205 -3.36 -13.55 -13.56
CA GLY B 205 -1.97 -13.95 -13.71
C GLY B 205 -1.70 -15.39 -13.36
N LEU B 206 -2.19 -15.78 -12.20
CA LEU B 206 -1.93 -17.09 -11.64
C LEU B 206 -2.68 -18.20 -12.41
N VAL B 207 -3.89 -17.91 -12.87
CA VAL B 207 -4.60 -18.84 -13.76
C VAL B 207 -3.84 -18.99 -15.08
N THR B 208 -3.39 -17.86 -15.59
CA THR B 208 -2.58 -17.85 -16.83
C THR B 208 -1.36 -18.73 -16.65
N SER B 209 -0.64 -18.52 -15.55
CA SER B 209 0.58 -19.26 -15.33
C SER B 209 0.33 -20.75 -15.23
N VAL B 210 -0.63 -21.15 -14.40
CA VAL B 210 -0.99 -22.57 -14.30
C VAL B 210 -1.36 -23.17 -15.66
N ALA B 211 -2.35 -22.58 -16.32
CA ALA B 211 -2.76 -23.02 -17.66
C ALA B 211 -1.56 -23.18 -18.59
N GLN B 212 -0.65 -22.20 -18.55
CA GLN B 212 0.52 -22.20 -19.47
C GLN B 212 1.35 -23.46 -19.29
N GLN B 213 1.28 -24.01 -18.07
CA GLN B 213 2.12 -25.16 -17.73
C GLN B 213 1.40 -26.50 -17.97
N VAL B 214 0.15 -26.61 -17.50
CA VAL B 214 -0.53 -27.89 -17.44
C VAL B 214 -1.77 -28.01 -18.35
N ASP B 215 -2.25 -26.92 -18.95
CA ASP B 215 -3.43 -27.06 -19.85
C ASP B 215 -2.97 -27.27 -21.29
N GLY B 216 -3.93 -27.48 -22.19
CA GLY B 216 -3.69 -27.64 -23.62
C GLY B 216 -3.82 -29.09 -24.07
N GLU B 217 -3.93 -29.29 -25.38
CA GLU B 217 -3.98 -30.64 -25.94
C GLU B 217 -2.61 -31.35 -25.76
N ASN B 218 -1.54 -30.57 -25.87
CA ASN B 218 -0.26 -31.08 -25.48
C ASN B 218 0.31 -30.11 -24.45
N PRO B 219 0.10 -30.41 -23.15
CA PRO B 219 0.56 -29.50 -22.12
C PRO B 219 2.06 -29.45 -22.02
N ASN B 220 2.60 -28.28 -21.70
CA ASN B 220 4.06 -28.16 -21.50
C ASN B 220 4.58 -29.07 -20.38
N LEU B 221 3.81 -29.20 -19.30
CA LEU B 221 4.12 -30.12 -18.20
C LEU B 221 2.98 -31.13 -18.06
N TYR B 222 3.17 -32.32 -18.61
CA TYR B 222 2.11 -33.30 -18.57
C TYR B 222 1.94 -33.96 -17.19
N ILE B 223 0.87 -33.57 -16.51
CA ILE B 223 0.50 -34.20 -15.24
C ILE B 223 -0.98 -34.57 -15.25
N HIS B 224 -1.32 -35.75 -14.73
CA HIS B 224 -2.72 -36.19 -14.71
C HIS B 224 -3.20 -36.61 -13.32
N SER B 225 -4.49 -36.93 -13.23
CA SER B 225 -5.15 -37.27 -11.96
C SER B 225 -4.63 -38.54 -11.31
N GLU B 226 -3.88 -39.37 -12.04
CA GLU B 226 -3.27 -40.55 -11.41
C GLU B 226 -1.85 -40.37 -10.85
N ASP B 227 -1.24 -39.24 -11.15
CA ASP B 227 0.10 -38.90 -10.65
C ASP B 227 0.12 -38.72 -9.14
N VAL B 228 1.31 -38.89 -8.55
CA VAL B 228 1.58 -38.62 -7.15
C VAL B 228 2.78 -37.71 -7.20
N MET B 229 2.54 -36.47 -6.80
CA MET B 229 3.53 -35.40 -6.86
C MET B 229 4.08 -35.01 -5.46
N LEU B 230 5.39 -35.14 -5.30
CA LEU B 230 6.03 -34.78 -4.05
C LEU B 230 6.01 -33.28 -3.82
N CYS B 231 5.55 -32.87 -2.66
CA CYS B 231 5.54 -31.47 -2.29
C CYS B 231 6.53 -31.19 -1.14
N VAL B 232 7.82 -31.26 -1.45
CA VAL B 232 8.88 -30.99 -0.49
C VAL B 232 9.39 -29.55 -0.53
N LEU B 233 9.06 -28.81 -1.59
CA LEU B 233 9.52 -27.43 -1.75
C LEU B 233 8.60 -26.52 -0.96
N PRO B 234 9.12 -25.37 -0.49
CA PRO B 234 8.30 -24.64 0.49
C PRO B 234 7.22 -23.82 -0.18
N LEU B 235 5.97 -24.10 0.21
CA LEU B 235 4.80 -23.43 -0.32
C LEU B 235 4.77 -21.90 -0.15
N PHE B 236 5.50 -21.35 0.80
CA PHE B 236 5.54 -19.88 0.89
C PHE B 236 6.32 -19.23 -0.28
N HIS B 237 7.08 -20.03 -0.99
CA HIS B 237 7.75 -19.56 -2.19
C HIS B 237 6.91 -19.91 -3.43
N ILE B 238 6.79 -18.94 -4.31
CA ILE B 238 5.83 -19.00 -5.39
C ILE B 238 6.00 -20.17 -6.35
N TYR B 239 7.22 -20.60 -6.60
CA TYR B 239 7.47 -21.74 -7.47
C TYR B 239 6.76 -23.01 -6.95
N SER B 240 6.98 -23.38 -5.69
CA SER B 240 6.25 -24.49 -5.11
C SER B 240 4.75 -24.22 -5.06
N LEU B 241 4.37 -23.00 -4.70
CA LEU B 241 2.97 -22.66 -4.59
C LEU B 241 2.25 -22.87 -5.91
N ASN B 242 2.84 -22.32 -6.97
CA ASN B 242 2.30 -22.39 -8.30
C ASN B 242 2.46 -23.77 -8.98
N SER B 243 3.69 -24.20 -9.18
CA SER B 243 4.05 -25.37 -9.97
C SER B 243 3.75 -26.72 -9.34
N VAL B 244 3.80 -26.77 -8.03
CA VAL B 244 3.42 -27.98 -7.33
C VAL B 244 1.94 -27.95 -6.93
N LEU B 245 1.55 -26.98 -6.11
CA LEU B 245 0.18 -26.95 -5.60
C LEU B 245 -0.93 -26.61 -6.60
N LEU B 246 -0.90 -25.40 -7.14
CA LEU B 246 -1.98 -24.97 -7.97
C LEU B 246 -2.08 -25.83 -9.23
N CYS B 247 -0.92 -26.13 -9.82
CA CYS B 247 -0.85 -27.02 -10.96
C CYS B 247 -1.38 -28.43 -10.62
N GLY B 248 -1.08 -28.90 -9.41
CA GLY B 248 -1.52 -30.21 -9.00
C GLY B 248 -3.01 -30.29 -8.89
N LEU B 249 -3.58 -29.27 -8.25
CA LEU B 249 -5.00 -29.18 -8.09
C LEU B 249 -5.67 -29.09 -9.43
N ARG B 250 -5.13 -28.26 -10.33
CA ARG B 250 -5.74 -28.13 -11.63
C ARG B 250 -5.97 -29.50 -12.29
N VAL B 251 -5.03 -30.42 -12.14
CA VAL B 251 -5.08 -31.65 -12.94
C VAL B 251 -5.54 -32.84 -12.13
N GLY B 252 -5.80 -32.60 -10.85
CA GLY B 252 -6.34 -33.67 -10.00
C GLY B 252 -5.35 -34.68 -9.50
N ALA B 253 -4.07 -34.27 -9.43
CA ALA B 253 -2.97 -35.10 -8.96
C ALA B 253 -2.98 -35.24 -7.43
N ALA B 254 -2.47 -36.36 -6.90
CA ALA B 254 -2.18 -36.45 -5.46
C ALA B 254 -0.90 -35.65 -5.15
N ILE B 255 -0.99 -34.83 -4.10
CA ILE B 255 0.10 -33.97 -3.69
C ILE B 255 0.56 -34.48 -2.33
N LEU B 256 1.77 -35.03 -2.28
CA LEU B 256 2.32 -35.63 -1.06
C LEU B 256 3.17 -34.62 -0.32
N ILE B 257 2.67 -34.13 0.81
CA ILE B 257 3.31 -33.08 1.59
C ILE B 257 4.41 -33.63 2.49
N MET B 258 5.55 -32.95 2.42
CA MET B 258 6.73 -33.21 3.21
C MET B 258 7.16 -31.87 3.80
N GLN B 259 7.37 -31.83 5.11
CA GLN B 259 7.76 -30.59 5.78
C GLN B 259 9.20 -30.25 5.39
N LYS B 260 10.10 -31.15 5.76
CA LYS B 260 11.51 -30.87 5.81
C LYS B 260 12.22 -31.82 4.87
N PHE B 261 13.09 -31.30 3.99
CA PHE B 261 13.96 -32.16 3.21
C PHE B 261 15.10 -32.78 4.03
N ASP B 262 15.19 -34.11 4.01
CA ASP B 262 16.42 -34.82 4.34
C ASP B 262 16.42 -36.00 3.39
N ILE B 263 17.58 -36.59 3.12
CA ILE B 263 17.70 -37.54 2.01
C ILE B 263 17.04 -38.91 2.25
N VAL B 264 17.06 -39.43 3.49
CA VAL B 264 16.42 -40.75 3.75
C VAL B 264 14.88 -40.65 3.70
N SER B 265 14.29 -39.77 4.51
CA SER B 265 12.84 -39.51 4.48
C SER B 265 12.34 -39.34 3.05
N PHE B 266 13.17 -38.64 2.27
CA PHE B 266 12.88 -38.27 0.91
C PHE B 266 12.82 -39.51 0.04
N LEU B 267 13.92 -40.27 0.01
CA LEU B 267 13.95 -41.55 -0.68
C LEU B 267 12.87 -42.54 -0.20
N GLU B 268 12.67 -42.65 1.11
CA GLU B 268 11.63 -43.55 1.61
C GLU B 268 10.21 -43.17 1.18
N LEU B 269 9.88 -41.88 1.13
CA LEU B 269 8.56 -41.43 0.71
C LEU B 269 8.28 -41.76 -0.76
N ILE B 270 9.28 -41.54 -1.58
CA ILE B 270 9.20 -41.87 -3.01
C ILE B 270 8.99 -43.38 -3.20
N GLN B 271 9.75 -44.19 -2.46
CA GLN B 271 9.57 -45.63 -2.48
C GLN B 271 8.17 -45.97 -1.99
N ARG B 272 7.85 -45.56 -0.76
CA ARG B 272 6.60 -45.91 -0.08
C ARG B 272 5.36 -45.51 -0.88
N TYR B 273 5.33 -44.27 -1.36
CA TYR B 273 4.15 -43.73 -2.03
C TYR B 273 4.15 -43.84 -3.55
N LYS B 274 5.23 -44.36 -4.12
CA LYS B 274 5.34 -44.48 -5.58
C LYS B 274 5.09 -43.11 -6.29
N VAL B 275 5.68 -42.07 -5.71
CA VAL B 275 5.76 -40.73 -6.30
C VAL B 275 6.10 -40.85 -7.78
N THR B 276 5.43 -40.05 -8.62
CA THR B 276 5.68 -40.09 -10.06
C THR B 276 6.31 -38.80 -10.59
N ILE B 277 6.02 -37.67 -9.94
CA ILE B 277 6.51 -36.36 -10.38
C ILE B 277 7.39 -35.78 -9.28
N GLY B 278 8.66 -35.53 -9.59
CA GLY B 278 9.57 -35.00 -8.59
C GLY B 278 9.94 -33.55 -8.81
N PRO B 279 9.20 -32.63 -8.19
CA PRO B 279 9.55 -31.20 -8.36
C PRO B 279 10.66 -30.81 -7.38
N PHE B 280 11.87 -30.63 -7.90
CA PHE B 280 13.03 -30.37 -7.04
C PHE B 280 13.67 -29.01 -7.34
N VAL B 281 14.82 -28.78 -6.72
CA VAL B 281 15.67 -27.63 -6.94
C VAL B 281 17.14 -28.07 -6.84
N PRO B 282 18.09 -27.19 -7.26
CA PRO B 282 19.47 -27.71 -7.24
C PRO B 282 19.98 -28.29 -5.91
N PRO B 283 19.68 -27.68 -4.74
CA PRO B 283 20.26 -28.29 -3.54
C PRO B 283 19.83 -29.75 -3.38
N ILE B 284 18.59 -30.07 -3.76
CA ILE B 284 18.11 -31.46 -3.74
C ILE B 284 18.79 -32.31 -4.82
N VAL B 285 18.88 -31.76 -6.04
CA VAL B 285 19.57 -32.44 -7.14
C VAL B 285 20.99 -32.79 -6.72
N LEU B 286 21.64 -31.81 -6.13
CA LEU B 286 23.03 -31.92 -5.65
C LEU B 286 23.17 -33.06 -4.66
N ALA B 287 22.22 -33.16 -3.73
CA ALA B 287 22.25 -34.20 -2.69
C ALA B 287 21.99 -35.58 -3.28
N ILE B 288 21.12 -35.63 -4.27
CA ILE B 288 20.83 -36.89 -4.92
C ILE B 288 22.07 -37.41 -5.65
N ALA B 289 22.68 -36.55 -6.45
CA ALA B 289 23.92 -36.85 -7.16
C ALA B 289 25.09 -37.28 -6.25
N LYS B 290 25.18 -36.69 -5.05
CA LYS B 290 26.31 -36.91 -4.14
C LYS B 290 26.12 -38.06 -3.15
N SER B 291 24.89 -38.51 -2.91
CA SER B 291 24.66 -39.58 -1.95
C SER B 291 24.71 -40.97 -2.61
N PRO B 292 25.56 -41.86 -2.08
CA PRO B 292 25.68 -43.22 -2.62
C PRO B 292 24.42 -44.07 -2.35
N MET B 293 23.75 -43.80 -1.24
CA MET B 293 22.61 -44.62 -0.76
C MET B 293 21.35 -44.54 -1.65
N VAL B 294 21.41 -43.70 -2.68
CA VAL B 294 20.33 -43.54 -3.64
C VAL B 294 20.05 -44.83 -4.44
N ASP B 295 21.07 -45.65 -4.68
CA ASP B 295 20.87 -46.95 -5.37
C ASP B 295 20.09 -48.01 -4.59
N ASP B 296 20.12 -47.95 -3.27
CA ASP B 296 19.43 -48.92 -2.42
C ASP B 296 17.94 -48.62 -2.27
N TYR B 297 17.38 -47.84 -3.20
CA TYR B 297 15.94 -47.53 -3.19
C TYR B 297 15.32 -47.77 -4.55
N ASP B 298 14.07 -48.25 -4.53
CA ASP B 298 13.26 -48.36 -5.74
C ASP B 298 12.59 -47.00 -6.05
N LEU B 299 13.12 -46.35 -7.09
CA LEU B 299 12.68 -45.05 -7.53
C LEU B 299 12.04 -45.08 -8.90
N SER B 300 11.71 -46.27 -9.39
CA SER B 300 11.25 -46.44 -10.77
C SER B 300 9.87 -45.85 -11.05
N SER B 301 9.10 -45.55 -10.01
CA SER B 301 7.79 -44.87 -10.19
C SER B 301 7.92 -43.43 -10.70
N VAL B 302 9.05 -42.78 -10.42
CA VAL B 302 9.27 -41.40 -10.86
C VAL B 302 9.37 -41.33 -12.39
N ARG B 303 8.44 -40.62 -13.04
CA ARG B 303 8.50 -40.44 -14.48
C ARG B 303 8.89 -39.02 -14.87
N THR B 304 8.83 -38.07 -13.93
CA THR B 304 9.23 -36.70 -14.24
C THR B 304 9.97 -36.08 -13.08
N VAL B 305 11.16 -35.56 -13.38
CA VAL B 305 12.02 -34.92 -12.40
C VAL B 305 12.31 -33.50 -12.86
N MET B 306 11.88 -32.54 -12.05
CA MET B 306 12.02 -31.16 -12.43
C MET B 306 12.96 -30.47 -11.44
N SER B 307 13.76 -29.53 -11.92
CA SER B 307 14.55 -28.66 -11.04
C SER B 307 14.28 -27.20 -11.43
N GLY B 308 13.91 -26.39 -10.46
CA GLY B 308 13.63 -24.99 -10.74
C GLY B 308 14.42 -24.12 -9.79
N ALA B 309 14.13 -22.81 -9.81
CA ALA B 309 14.52 -21.86 -8.77
C ALA B 309 15.98 -21.35 -8.76
N ALA B 310 16.93 -22.10 -9.31
CA ALA B 310 18.33 -21.65 -9.21
C ALA B 310 19.16 -22.24 -10.31
N PRO B 311 20.31 -21.61 -10.61
CA PRO B 311 21.14 -22.18 -11.67
C PRO B 311 21.46 -23.67 -11.40
N LEU B 312 21.36 -24.47 -12.46
CA LEU B 312 21.77 -25.86 -12.47
C LEU B 312 22.57 -26.15 -13.76
N GLY B 313 23.78 -26.70 -13.62
CA GLY B 313 24.67 -26.96 -14.75
C GLY B 313 24.47 -28.30 -15.44
N LYS B 314 24.77 -28.32 -16.74
CA LYS B 314 24.60 -29.53 -17.56
C LYS B 314 25.17 -30.83 -16.98
N GLU B 315 26.38 -30.80 -16.39
CA GLU B 315 27.02 -32.04 -15.86
C GLU B 315 26.35 -32.57 -14.59
N LEU B 316 26.06 -31.68 -13.65
CA LEU B 316 25.31 -32.08 -12.46
C LEU B 316 23.95 -32.68 -12.91
N GLU B 317 23.28 -31.98 -13.82
CA GLU B 317 22.05 -32.46 -14.45
C GLU B 317 22.16 -33.90 -14.96
N ASP B 318 23.22 -34.17 -15.71
CA ASP B 318 23.42 -35.49 -16.32
C ASP B 318 23.69 -36.58 -15.30
N THR B 319 24.42 -36.22 -14.23
CA THR B 319 24.74 -37.15 -13.14
C THR B 319 23.46 -37.70 -12.52
N VAL B 320 22.53 -36.81 -12.25
CA VAL B 320 21.25 -37.20 -11.69
C VAL B 320 20.36 -37.96 -12.67
N ARG B 321 20.45 -37.62 -13.97
CA ARG B 321 19.64 -38.31 -15.00
C ARG B 321 19.92 -39.82 -14.99
N ALA B 322 21.18 -40.15 -14.74
CA ALA B 322 21.64 -41.52 -14.54
C ALA B 322 20.98 -42.23 -13.36
N LYS B 323 20.57 -41.48 -12.34
CA LYS B 323 19.99 -42.07 -11.12
C LYS B 323 18.44 -42.29 -11.18
N PHE B 324 17.80 -41.60 -12.13
CA PHE B 324 16.39 -41.81 -12.43
C PHE B 324 16.30 -42.37 -13.83
N PRO B 325 15.98 -43.68 -13.92
CA PRO B 325 16.17 -44.48 -15.13
C PRO B 325 15.25 -44.03 -16.27
N ASN B 326 13.95 -44.17 -16.06
CA ASN B 326 12.95 -43.85 -17.07
C ASN B 326 12.07 -42.68 -16.59
N ALA B 327 12.75 -41.63 -16.14
CA ALA B 327 12.15 -40.33 -15.85
C ALA B 327 12.57 -39.33 -16.94
N LYS B 328 11.66 -38.47 -17.36
CA LYS B 328 12.08 -37.34 -18.13
C LYS B 328 12.60 -36.30 -17.12
N LEU B 329 13.74 -35.70 -17.41
CA LEU B 329 14.37 -34.78 -16.44
C LEU B 329 14.79 -33.49 -17.07
N GLY B 330 14.49 -32.39 -16.39
CA GLY B 330 14.88 -31.06 -16.87
C GLY B 330 14.55 -29.94 -15.90
N GLN B 331 14.70 -28.71 -16.39
CA GLN B 331 14.50 -27.51 -15.56
C GLN B 331 13.26 -26.74 -15.87
N GLY B 332 12.76 -26.04 -14.86
CA GLY B 332 11.82 -24.91 -15.03
C GLY B 332 12.56 -23.61 -14.68
N TYR B 333 12.13 -22.48 -15.25
CA TYR B 333 12.72 -21.19 -14.87
C TYR B 333 11.64 -20.22 -14.42
N GLY B 334 11.71 -19.81 -13.14
CA GLY B 334 10.74 -18.92 -12.58
C GLY B 334 11.33 -17.71 -11.93
N MET B 335 10.54 -16.66 -11.88
CA MET B 335 10.91 -15.45 -11.15
C MET B 335 9.63 -14.90 -10.57
N THR B 336 9.63 -14.57 -9.29
CA THR B 336 8.38 -14.15 -8.63
C THR B 336 7.57 -13.12 -9.44
N GLU B 337 8.19 -12.01 -9.85
CA GLU B 337 7.53 -10.97 -10.63
C GLU B 337 6.87 -11.48 -11.93
N ALA B 338 7.42 -12.56 -12.47
CA ALA B 338 6.91 -13.08 -13.72
C ALA B 338 5.73 -14.07 -13.54
N GLY B 339 5.26 -14.28 -12.31
CA GLY B 339 4.04 -15.07 -12.07
C GLY B 339 3.96 -16.56 -11.65
N PRO B 340 5.08 -17.31 -11.63
CA PRO B 340 6.45 -16.98 -11.83
C PRO B 340 7.06 -17.64 -13.06
N VAL B 341 6.43 -18.67 -13.62
CA VAL B 341 7.11 -19.44 -14.68
C VAL B 341 7.32 -18.71 -16.02
N LEU B 342 8.59 -18.61 -16.43
CA LEU B 342 8.98 -18.09 -17.75
C LEU B 342 9.23 -19.16 -18.79
N ALA B 343 9.96 -20.21 -18.41
CA ALA B 343 10.22 -21.31 -19.32
C ALA B 343 10.05 -22.68 -18.65
N MET B 344 9.79 -23.72 -19.44
CA MET B 344 9.56 -25.05 -18.88
C MET B 344 10.06 -26.11 -19.85
N CYS B 345 10.71 -27.13 -19.34
CA CYS B 345 11.37 -28.13 -20.16
C CYS B 345 10.32 -28.89 -21.00
N LEU B 346 10.51 -28.93 -22.32
CA LEU B 346 9.52 -29.56 -23.21
C LEU B 346 9.61 -31.09 -23.30
N ALA B 347 10.64 -31.68 -22.69
CA ALA B 347 10.70 -33.13 -22.48
C ALA B 347 9.59 -33.61 -21.56
N PHE B 348 8.97 -32.69 -20.82
CA PHE B 348 7.85 -33.00 -19.87
C PHE B 348 6.46 -32.96 -20.53
N ALA B 349 6.38 -32.58 -21.82
CA ALA B 349 5.10 -32.45 -22.51
C ALA B 349 4.44 -33.81 -22.75
N LYS B 350 3.14 -33.82 -22.99
CA LYS B 350 2.42 -35.07 -23.27
C LYS B 350 3.00 -35.78 -24.53
N GLU B 351 3.30 -35.01 -25.58
CA GLU B 351 4.16 -35.48 -26.67
C GLU B 351 5.49 -34.75 -26.46
N PRO B 352 6.49 -35.44 -25.86
CA PRO B 352 7.78 -34.83 -25.52
C PRO B 352 8.56 -34.31 -26.73
N PHE B 353 9.35 -33.27 -26.50
CA PHE B 353 10.36 -32.76 -27.41
C PHE B 353 11.72 -33.23 -26.94
N GLU B 354 12.70 -33.29 -27.84
CA GLU B 354 14.12 -33.44 -27.47
C GLU B 354 14.60 -32.21 -26.73
N ILE B 355 15.58 -32.39 -25.84
CA ILE B 355 16.14 -31.30 -25.02
C ILE B 355 17.66 -31.42 -24.89
N LYS B 356 18.32 -30.35 -24.41
CA LYS B 356 19.75 -30.40 -24.07
C LYS B 356 19.91 -30.12 -22.57
N SER B 357 20.87 -30.81 -21.96
CA SER B 357 21.11 -30.62 -20.55
C SER B 357 21.55 -29.18 -20.26
N GLY B 358 21.22 -28.74 -19.06
CA GLY B 358 21.59 -27.40 -18.61
C GLY B 358 20.66 -26.31 -19.10
N ALA B 359 19.71 -26.63 -19.99
CA ALA B 359 18.73 -25.64 -20.43
C ALA B 359 17.74 -25.44 -19.31
N CYS B 360 17.27 -24.22 -19.14
CA CYS B 360 16.25 -23.99 -18.13
C CYS B 360 14.83 -24.08 -18.71
N GLY B 361 14.73 -24.39 -20.00
CA GLY B 361 13.43 -24.75 -20.59
C GLY B 361 13.14 -24.06 -21.91
N THR B 362 11.86 -24.00 -22.28
CA THR B 362 11.45 -23.22 -23.46
C THR B 362 10.39 -22.27 -22.96
N VAL B 363 10.50 -21.01 -23.35
CA VAL B 363 9.49 -20.02 -22.95
C VAL B 363 8.07 -20.62 -23.06
N VAL B 364 7.20 -20.26 -22.11
CA VAL B 364 5.87 -20.80 -22.03
C VAL B 364 5.01 -20.26 -23.17
N ARG B 365 3.99 -21.01 -23.54
CA ARG B 365 3.04 -20.52 -24.55
C ARG B 365 2.24 -19.30 -24.08
N ASN B 366 1.56 -18.63 -25.02
CA ASN B 366 0.80 -17.42 -24.72
C ASN B 366 1.72 -16.40 -24.06
N ALA B 367 2.95 -16.28 -24.54
CA ALA B 367 3.89 -15.28 -24.01
C ALA B 367 4.86 -14.88 -25.11
N GLU B 368 5.52 -13.74 -24.92
CA GLU B 368 6.64 -13.37 -25.78
C GLU B 368 7.91 -13.23 -24.94
N MET B 369 9.04 -13.65 -25.49
CA MET B 369 10.30 -13.43 -24.80
C MET B 369 11.24 -12.74 -25.77
N LYS B 370 11.96 -11.75 -25.27
CA LYS B 370 13.06 -11.18 -26.02
C LYS B 370 14.34 -11.11 -25.18
N ILE B 371 15.48 -10.99 -25.84
CA ILE B 371 16.77 -10.95 -25.17
C ILE B 371 17.39 -9.55 -25.44
N VAL B 372 17.62 -8.76 -24.40
CA VAL B 372 18.03 -7.37 -24.60
C VAL B 372 19.45 -7.12 -24.10
N ASP B 373 20.31 -6.68 -25.03
CA ASP B 373 21.66 -6.17 -24.72
C ASP B 373 21.54 -4.95 -23.78
N PRO B 374 21.96 -5.10 -22.52
CA PRO B 374 21.90 -4.04 -21.52
C PRO B 374 22.64 -2.77 -21.97
N LYS B 375 23.67 -2.94 -22.80
CA LYS B 375 24.52 -1.81 -23.18
C LYS B 375 23.83 -0.89 -24.15
N THR B 376 22.94 -1.45 -24.98
CA THR B 376 22.25 -0.70 -26.06
C THR B 376 20.71 -0.65 -25.94
N GLY B 377 20.13 -1.62 -25.25
CA GLY B 377 18.67 -1.75 -25.15
C GLY B 377 18.02 -2.39 -26.38
N ASN B 378 18.85 -2.97 -27.26
CA ASN B 378 18.39 -3.62 -28.49
C ASN B 378 18.25 -5.13 -28.32
N SER B 379 17.28 -5.69 -29.04
CA SER B 379 17.07 -7.11 -28.90
C SER B 379 17.97 -7.90 -29.81
N LEU B 380 18.40 -9.03 -29.30
CA LEU B 380 19.38 -9.87 -29.94
C LEU B 380 18.74 -11.07 -30.61
N PRO B 381 19.45 -11.67 -31.59
CA PRO B 381 18.99 -12.91 -32.21
C PRO B 381 19.41 -14.11 -31.39
N ARG B 382 19.24 -15.31 -31.94
CA ARG B 382 19.64 -16.56 -31.33
C ARG B 382 21.11 -16.67 -30.94
N ASN B 383 21.40 -17.34 -29.83
CA ASN B 383 22.77 -17.61 -29.46
C ASN B 383 23.55 -16.37 -29.03
N GLN B 384 22.81 -15.35 -28.58
CA GLN B 384 23.42 -14.11 -28.08
C GLN B 384 22.92 -13.83 -26.68
N SER B 385 23.86 -13.53 -25.79
CA SER B 385 23.55 -13.22 -24.40
C SER B 385 23.00 -11.82 -24.16
N GLY B 386 21.93 -11.78 -23.36
CA GLY B 386 21.40 -10.52 -22.91
C GLY B 386 20.34 -10.75 -21.85
N GLU B 387 19.68 -9.66 -21.48
CA GLU B 387 18.70 -9.72 -20.45
C GLU B 387 17.43 -10.33 -20.98
N ILE B 388 16.90 -11.30 -20.24
CA ILE B 388 15.70 -12.00 -20.62
C ILE B 388 14.54 -11.10 -20.28
N CYS B 389 13.65 -10.90 -21.24
CA CYS B 389 12.42 -10.13 -21.04
C CYS B 389 11.20 -10.97 -21.41
N ILE B 390 10.07 -10.74 -20.74
CA ILE B 390 8.88 -11.52 -21.00
C ILE B 390 7.66 -10.63 -20.92
N ARG B 391 6.71 -10.88 -21.83
CA ARG B 391 5.44 -10.21 -21.86
C ARG B 391 4.32 -11.27 -21.97
N GLY B 392 3.25 -11.05 -21.20
CA GLY B 392 2.06 -11.90 -21.21
C GLY B 392 1.19 -11.67 -19.98
N ASP B 393 0.02 -12.33 -19.94
CA ASP B 393 -1.00 -12.12 -18.90
C ASP B 393 -0.60 -12.67 -17.54
N GLN B 394 0.38 -13.58 -17.54
CA GLN B 394 0.78 -14.26 -16.30
C GLN B 394 1.63 -13.40 -15.37
N ILE B 395 2.17 -12.29 -15.85
CA ILE B 395 3.09 -11.53 -14.98
C ILE B 395 2.39 -10.82 -13.81
N MET B 396 3.17 -10.36 -12.83
CA MET B 396 2.63 -9.57 -11.70
C MET B 396 1.87 -8.30 -12.09
N LYS B 397 0.96 -7.86 -11.23
CA LYS B 397 0.31 -6.58 -11.40
C LYS B 397 1.33 -5.51 -11.01
N GLY B 398 2.04 -5.70 -9.89
CA GLY B 398 3.18 -4.88 -9.56
C GLY B 398 3.76 -5.19 -8.19
N TYR B 399 4.89 -4.54 -7.85
CA TYR B 399 5.36 -4.52 -6.47
C TYR B 399 4.35 -3.86 -5.51
N LEU B 400 4.24 -4.34 -4.28
CA LEU B 400 3.30 -3.76 -3.31
C LEU B 400 3.74 -2.36 -2.85
N ASN B 401 2.88 -1.35 -3.08
CA ASN B 401 3.21 0.05 -2.76
C ASN B 401 4.63 0.47 -3.22
N ASP B 402 4.95 0.19 -4.47
CA ASP B 402 6.22 0.66 -5.04
C ASP B 402 6.14 0.84 -6.55
N PRO B 403 5.50 1.96 -6.96
CA PRO B 403 5.31 2.30 -8.37
C PRO B 403 6.60 2.65 -9.06
N GLU B 404 7.57 3.19 -8.33
CA GLU B 404 8.86 3.54 -8.93
C GLU B 404 9.55 2.26 -9.43
N ALA B 405 9.58 1.23 -8.57
CA ALA B 405 10.17 -0.05 -8.94
C ALA B 405 9.35 -0.78 -10.01
N THR B 406 8.02 -0.72 -9.91
CA THR B 406 7.14 -1.32 -10.93
C THR B 406 7.36 -0.72 -12.34
N ALA B 407 7.43 0.60 -12.41
CA ALA B 407 7.60 1.30 -13.68
C ALA B 407 8.97 0.99 -14.30
N ARG B 408 9.96 0.73 -13.45
CA ARG B 408 11.30 0.42 -13.92
C ARG B 408 11.42 -1.06 -14.33
N THR B 409 10.52 -1.91 -13.85
CA THR B 409 10.65 -3.36 -14.06
C THR B 409 9.69 -3.85 -15.14
N ILE B 410 8.50 -3.27 -15.17
CA ILE B 410 7.54 -3.56 -16.23
C ILE B 410 7.35 -2.29 -17.04
N ASP B 411 7.84 -2.31 -18.28
CA ASP B 411 7.82 -1.12 -19.10
C ASP B 411 6.42 -0.87 -19.64
N LYS B 412 6.25 0.30 -20.24
CA LYS B 412 4.96 0.77 -20.69
C LYS B 412 4.36 -0.07 -21.83
N GLU B 413 5.11 -1.02 -22.36
CA GLU B 413 4.61 -1.95 -23.36
C GLU B 413 4.40 -3.35 -22.79
N GLY B 414 4.51 -3.50 -21.47
CA GLY B 414 4.24 -4.77 -20.83
C GLY B 414 5.44 -5.70 -20.82
N TRP B 415 6.63 -5.17 -21.09
CA TRP B 415 7.82 -6.01 -21.00
C TRP B 415 8.32 -6.03 -19.58
N LEU B 416 8.40 -7.23 -19.00
CA LEU B 416 9.07 -7.39 -17.72
C LEU B 416 10.53 -7.62 -17.99
N TYR B 417 11.38 -6.85 -17.30
CA TYR B 417 12.84 -6.98 -17.37
C TYR B 417 13.28 -7.82 -16.19
N THR B 418 13.92 -8.96 -16.46
CA THR B 418 14.14 -9.94 -15.40
C THR B 418 15.38 -9.67 -14.56
N GLY B 419 16.35 -8.96 -15.13
CA GLY B 419 17.68 -8.79 -14.52
C GLY B 419 18.50 -10.06 -14.65
N ASP B 420 17.94 -11.07 -15.31
CA ASP B 420 18.62 -12.32 -15.58
C ASP B 420 19.25 -12.30 -16.97
N ILE B 421 20.47 -12.86 -17.12
CA ILE B 421 21.17 -12.96 -18.42
C ILE B 421 21.13 -14.37 -19.04
N GLY B 422 20.67 -14.46 -20.28
CA GLY B 422 20.62 -15.76 -20.97
C GLY B 422 20.59 -15.68 -22.49
N TYR B 423 20.40 -16.82 -23.14
CA TYR B 423 20.28 -16.87 -24.60
C TYR B 423 19.40 -18.04 -24.99
N ILE B 424 18.73 -17.87 -26.13
CA ILE B 424 17.91 -18.94 -26.68
C ILE B 424 18.67 -19.51 -27.88
N ASP B 425 18.87 -20.82 -27.89
CA ASP B 425 19.61 -21.48 -28.97
C ASP B 425 18.69 -21.80 -30.16
N ASP B 426 19.23 -22.46 -31.20
CA ASP B 426 18.48 -22.67 -32.44
C ASP B 426 17.27 -23.58 -32.27
N ASP B 427 17.26 -24.34 -31.18
CA ASP B 427 16.14 -25.23 -30.89
C ASP B 427 15.15 -24.64 -29.90
N ASP B 428 15.21 -23.31 -29.74
CA ASP B 428 14.35 -22.55 -28.81
C ASP B 428 14.53 -22.98 -27.34
N GLU B 429 15.72 -23.44 -26.98
CA GLU B 429 16.01 -23.75 -25.58
C GLU B 429 16.72 -22.58 -24.97
N LEU B 430 16.20 -22.08 -23.86
CA LEU B 430 16.79 -20.94 -23.15
C LEU B 430 17.84 -21.42 -22.14
N PHE B 431 19.07 -20.91 -22.23
CA PHE B 431 20.04 -21.13 -21.17
C PHE B 431 20.18 -19.85 -20.34
N ILE B 432 20.31 -20.02 -19.01
CA ILE B 432 20.59 -18.88 -18.14
C ILE B 432 22.07 -18.82 -17.81
N VAL B 433 22.68 -17.66 -18.03
CA VAL B 433 24.12 -17.48 -17.76
C VAL B 433 24.27 -17.19 -16.24
N ASP B 434 23.60 -16.12 -15.77
CA ASP B 434 23.54 -15.76 -14.33
C ASP B 434 22.68 -14.51 -14.21
N ARG B 435 22.53 -13.98 -12.99
CA ARG B 435 21.85 -12.69 -12.81
C ARG B 435 22.79 -11.60 -13.36
N LEU B 436 22.23 -10.59 -14.03
CA LEU B 436 23.08 -9.54 -14.63
C LEU B 436 24.12 -9.05 -13.65
N LYS B 437 23.65 -8.58 -12.49
CA LYS B 437 24.51 -7.93 -11.48
C LYS B 437 25.47 -8.87 -10.73
N GLU B 438 25.34 -10.18 -10.92
CA GLU B 438 26.27 -11.13 -10.30
C GLU B 438 27.46 -11.39 -11.22
N LEU B 439 27.44 -10.80 -12.40
CA LEU B 439 28.55 -10.93 -13.33
C LEU B 439 29.78 -10.19 -12.77
N ILE B 440 30.92 -10.87 -12.80
CA ILE B 440 32.17 -10.31 -12.29
C ILE B 440 33.01 -9.76 -13.44
N LYS B 441 33.28 -8.46 -13.41
CA LYS B 441 34.13 -7.84 -14.44
C LYS B 441 35.60 -8.00 -14.09
N TYR B 442 36.32 -8.73 -14.93
CA TYR B 442 37.74 -8.98 -14.75
C TYR B 442 38.47 -8.76 -16.07
N LYS B 443 39.39 -7.79 -16.05
CA LYS B 443 40.11 -7.38 -17.25
C LYS B 443 39.01 -7.01 -18.22
N GLY B 444 39.05 -7.44 -19.47
CA GLY B 444 37.92 -6.99 -20.32
C GLY B 444 36.69 -7.89 -20.43
N PHE B 445 36.51 -8.80 -19.49
CA PHE B 445 35.52 -9.89 -19.64
C PHE B 445 34.54 -9.98 -18.47
N GLN B 446 33.45 -10.70 -18.70
CA GLN B 446 32.41 -10.79 -17.68
C GLN B 446 32.30 -12.24 -17.27
N VAL B 447 32.63 -12.55 -16.03
CA VAL B 447 32.65 -13.93 -15.56
C VAL B 447 31.34 -14.31 -14.85
N ALA B 448 30.80 -15.48 -15.18
CA ALA B 448 29.57 -15.89 -14.58
C ALA B 448 29.85 -16.87 -13.46
N PRO B 449 29.56 -16.47 -12.21
CA PRO B 449 29.76 -17.34 -11.06
C PRO B 449 29.05 -18.69 -11.23
N ALA B 450 27.85 -18.68 -11.82
CA ALA B 450 27.08 -19.93 -12.01
C ALA B 450 27.85 -20.98 -12.81
N GLU B 451 28.57 -20.53 -13.83
CA GLU B 451 29.43 -21.38 -14.67
C GLU B 451 30.55 -22.06 -13.88
N LEU B 452 31.20 -21.31 -12.99
CA LEU B 452 32.27 -21.83 -12.17
C LEU B 452 31.72 -22.75 -11.09
N GLU B 453 30.64 -22.31 -10.43
CA GLU B 453 29.93 -23.17 -9.46
C GLU B 453 29.63 -24.57 -10.05
N ALA B 454 29.21 -24.62 -11.31
CA ALA B 454 28.88 -25.90 -11.96
C ALA B 454 30.09 -26.84 -12.06
N LEU B 455 31.26 -26.29 -12.39
CA LEU B 455 32.44 -27.11 -12.55
C LEU B 455 32.85 -27.65 -11.18
N LEU B 456 32.95 -26.73 -10.23
CA LEU B 456 33.19 -27.06 -8.84
C LEU B 456 32.33 -28.21 -8.31
N LEU B 457 31.03 -28.19 -8.58
CA LEU B 457 30.12 -29.22 -8.06
C LEU B 457 30.37 -30.56 -8.76
N ASN B 458 31.06 -30.52 -9.88
CA ASN B 458 31.44 -31.76 -10.55
C ASN B 458 32.62 -32.47 -9.91
N HIS B 459 33.41 -31.76 -9.09
CA HIS B 459 34.48 -32.41 -8.33
C HIS B 459 33.93 -33.47 -7.36
N PRO B 460 34.51 -34.69 -7.39
CA PRO B 460 34.04 -35.79 -6.54
C PRO B 460 34.24 -35.55 -5.05
N ASN B 461 35.25 -34.77 -4.67
CA ASN B 461 35.57 -34.53 -3.26
C ASN B 461 35.02 -33.20 -2.78
N ILE B 462 34.07 -32.63 -3.53
CA ILE B 462 33.42 -31.35 -3.17
C ILE B 462 31.93 -31.59 -3.09
N SER B 463 31.32 -31.20 -1.97
CA SER B 463 29.91 -31.50 -1.79
C SER B 463 29.03 -30.27 -2.01
N ASP B 464 29.58 -29.08 -1.85
CA ASP B 464 28.84 -27.84 -2.11
C ASP B 464 29.86 -26.71 -2.33
N ALA B 465 29.42 -25.67 -3.03
CA ALA B 465 30.32 -24.61 -3.48
C ALA B 465 29.55 -23.35 -3.82
N ALA B 466 30.25 -22.22 -3.89
CA ALA B 466 29.66 -20.95 -4.33
C ALA B 466 30.79 -20.06 -4.84
N VAL B 467 30.50 -19.16 -5.78
CA VAL B 467 31.55 -18.30 -6.34
C VAL B 467 31.11 -16.85 -6.23
N VAL B 468 31.97 -16.02 -5.66
CA VAL B 468 31.66 -14.61 -5.41
C VAL B 468 32.88 -13.77 -5.70
N PRO B 469 32.68 -12.47 -5.94
CA PRO B 469 33.83 -11.58 -6.13
C PRO B 469 34.49 -11.17 -4.79
N MET B 470 35.81 -11.03 -4.81
CA MET B 470 36.59 -10.53 -3.67
C MET B 470 37.41 -9.32 -4.11
N LYS B 471 37.52 -8.29 -3.24
CA LYS B 471 38.49 -7.19 -3.41
C LYS B 471 39.94 -7.68 -3.58
N ASP B 472 40.74 -6.99 -4.39
CA ASP B 472 42.14 -7.36 -4.59
C ASP B 472 42.97 -6.14 -5.05
N GLU B 473 44.16 -5.97 -4.44
CA GLU B 473 45.05 -4.82 -4.65
C GLU B 473 45.06 -4.22 -6.05
N GLN B 474 45.82 -4.86 -6.95
CA GLN B 474 45.93 -4.42 -8.33
C GLN B 474 44.99 -5.21 -9.26
N ALA B 475 43.90 -5.73 -8.69
CA ALA B 475 42.95 -6.54 -9.46
C ALA B 475 41.47 -6.13 -9.33
N GLY B 476 41.13 -5.31 -8.33
CA GLY B 476 39.73 -4.96 -8.07
C GLY B 476 39.02 -6.25 -7.69
N GLU B 477 37.83 -6.48 -8.23
CA GLU B 477 37.12 -7.74 -7.97
C GLU B 477 37.79 -8.91 -8.69
N VAL B 478 38.07 -10.00 -7.98
CA VAL B 478 38.45 -11.29 -8.63
C VAL B 478 37.49 -12.43 -8.21
N PRO B 479 37.34 -13.47 -9.07
CA PRO B 479 36.55 -14.63 -8.67
C PRO B 479 37.25 -15.48 -7.60
N VAL B 480 36.53 -15.75 -6.50
CA VAL B 480 36.96 -16.69 -5.43
C VAL B 480 35.85 -17.72 -5.15
N ALA B 481 36.21 -18.86 -4.58
CA ALA B 481 35.27 -19.93 -4.35
C ALA B 481 35.18 -20.35 -2.90
N PHE B 482 33.93 -20.51 -2.43
CA PHE B 482 33.67 -21.12 -1.14
C PHE B 482 33.38 -22.60 -1.32
N VAL B 483 34.09 -23.46 -0.62
CA VAL B 483 33.95 -24.90 -0.85
C VAL B 483 33.62 -25.71 0.40
N VAL B 484 32.64 -26.58 0.25
CA VAL B 484 32.38 -27.62 1.24
C VAL B 484 33.04 -28.94 0.78
N ARG B 485 33.93 -29.46 1.63
CA ARG B 485 34.61 -30.71 1.39
C ARG B 485 33.72 -31.90 1.69
N SER B 486 33.79 -32.92 0.83
CA SER B 486 33.12 -34.18 1.09
C SER B 486 33.81 -34.89 2.24
N ASN B 487 33.02 -35.61 3.04
CA ASN B 487 33.50 -36.47 4.15
C ASN B 487 34.87 -37.08 3.94
N GLY B 488 35.80 -36.71 4.83
CA GLY B 488 37.17 -37.21 4.80
C GLY B 488 37.97 -36.92 3.54
N SER B 489 37.85 -35.70 3.04
CA SER B 489 38.64 -35.27 1.88
C SER B 489 39.54 -34.11 2.27
N THR B 490 40.79 -34.23 1.86
CA THR B 490 41.85 -33.32 2.28
C THR B 490 42.27 -32.40 1.14
N ILE B 491 41.37 -32.22 0.17
CA ILE B 491 41.66 -31.39 -1.00
C ILE B 491 41.96 -29.95 -0.57
N THR B 492 43.08 -29.41 -1.05
CA THR B 492 43.53 -28.08 -0.62
C THR B 492 43.28 -27.01 -1.67
N GLU B 493 43.48 -25.76 -1.24
CA GLU B 493 43.25 -24.59 -2.05
C GLU B 493 43.83 -24.63 -3.47
N ASP B 494 45.10 -25.04 -3.61
CA ASP B 494 45.76 -25.04 -4.93
C ASP B 494 45.21 -26.16 -5.79
N GLU B 495 44.92 -27.31 -5.17
CA GLU B 495 44.26 -28.43 -5.85
C GLU B 495 42.94 -27.98 -6.49
N VAL B 496 42.17 -27.17 -5.77
CA VAL B 496 40.88 -26.69 -6.25
C VAL B 496 41.08 -25.65 -7.38
N LYS B 497 41.99 -24.69 -7.19
CA LYS B 497 42.34 -23.70 -8.22
C LYS B 497 42.80 -24.39 -9.50
N ASP B 498 43.69 -25.37 -9.36
CA ASP B 498 44.19 -26.12 -10.51
C ASP B 498 43.11 -26.88 -11.27
N PHE B 499 42.16 -27.46 -10.55
CA PHE B 499 41.10 -28.26 -11.15
C PHE B 499 40.22 -27.39 -12.06
N ILE B 500 39.91 -26.20 -11.60
CA ILE B 500 39.15 -25.22 -12.38
C ILE B 500 40.00 -24.65 -13.54
N SER B 501 41.19 -24.20 -13.16
CA SER B 501 42.07 -23.47 -14.03
C SER B 501 42.39 -24.23 -15.31
N LYS B 502 42.45 -25.55 -15.21
CA LYS B 502 42.69 -26.42 -16.36
C LYS B 502 41.46 -26.60 -17.27
N GLN B 503 40.28 -26.12 -16.86
CA GLN B 503 39.07 -26.31 -17.69
C GLN B 503 38.62 -25.03 -18.35
N VAL B 504 39.14 -23.91 -17.90
CA VAL B 504 38.61 -22.62 -18.33
C VAL B 504 39.62 -21.73 -19.00
N ILE B 505 39.12 -20.82 -19.82
CA ILE B 505 39.89 -19.68 -20.27
C ILE B 505 40.38 -18.84 -19.09
N PHE B 506 41.52 -18.18 -19.26
CA PHE B 506 42.28 -17.64 -18.13
C PHE B 506 41.50 -16.62 -17.28
N TYR B 507 40.56 -15.89 -17.88
CA TYR B 507 39.92 -14.86 -17.10
C TYR B 507 38.88 -15.36 -16.14
N LYS B 508 38.60 -16.66 -16.23
CA LYS B 508 37.54 -17.28 -15.48
C LYS B 508 38.13 -18.03 -14.29
N ARG B 509 39.42 -17.81 -14.07
CA ARG B 509 40.12 -18.49 -13.03
C ARG B 509 39.69 -18.03 -11.65
N ILE B 510 39.83 -18.96 -10.73
CA ILE B 510 39.52 -18.84 -9.30
C ILE B 510 40.82 -18.44 -8.59
N LYS B 511 40.81 -17.30 -7.91
CA LYS B 511 42.02 -16.77 -7.25
C LYS B 511 42.25 -17.23 -5.82
N ARG B 512 41.16 -17.62 -5.14
CA ARG B 512 41.19 -18.11 -3.75
C ARG B 512 40.05 -19.12 -3.51
N VAL B 513 40.32 -20.18 -2.76
CA VAL B 513 39.23 -21.00 -2.25
C VAL B 513 39.23 -20.95 -0.73
N PHE B 514 38.06 -20.64 -0.16
CA PHE B 514 37.88 -20.60 1.29
C PHE B 514 36.98 -21.78 1.63
N PHE B 515 37.47 -22.68 2.49
CA PHE B 515 36.67 -23.82 2.90
C PHE B 515 35.77 -23.53 4.08
N VAL B 516 34.52 -23.95 3.94
CA VAL B 516 33.53 -23.79 5.00
C VAL B 516 32.75 -25.08 5.18
N ASP B 517 31.82 -25.06 6.14
CA ASP B 517 31.03 -26.24 6.44
C ASP B 517 29.67 -26.26 5.74
N ALA B 518 29.18 -25.08 5.34
CA ALA B 518 27.90 -24.97 4.65
C ALA B 518 27.86 -23.78 3.66
N ILE B 519 27.07 -23.94 2.61
CA ILE B 519 26.79 -22.81 1.73
C ILE B 519 25.44 -22.20 2.13
N PRO B 520 25.41 -20.89 2.42
CA PRO B 520 24.10 -20.40 2.82
C PRO B 520 23.20 -20.27 1.61
N LYS B 521 22.10 -21.04 1.62
CA LYS B 521 21.03 -20.96 0.62
C LYS B 521 19.70 -20.53 1.26
N SER B 522 18.81 -19.95 0.46
CA SER B 522 17.45 -19.71 0.89
C SER B 522 16.66 -21.03 0.92
N PRO B 523 15.59 -21.10 1.73
CA PRO B 523 14.79 -22.34 1.71
C PRO B 523 14.33 -22.69 0.31
N SER B 524 14.20 -21.70 -0.58
CA SER B 524 13.72 -21.88 -1.96
C SER B 524 14.78 -22.46 -2.87
N GLY B 525 16.02 -22.53 -2.36
CA GLY B 525 17.15 -23.14 -3.05
C GLY B 525 18.18 -22.23 -3.76
N LYS B 526 18.21 -20.94 -3.46
CA LYS B 526 19.13 -20.02 -4.15
C LYS B 526 20.30 -19.77 -3.23
N ILE B 527 21.51 -19.83 -3.79
CA ILE B 527 22.72 -19.52 -3.05
C ILE B 527 22.68 -18.05 -2.61
N LEU B 528 22.89 -17.82 -1.32
CA LEU B 528 22.90 -16.46 -0.76
C LEU B 528 24.31 -15.86 -0.85
N ARG B 529 24.66 -15.47 -2.07
CA ARG B 529 25.99 -15.00 -2.38
C ARG B 529 26.35 -13.75 -1.56
N LYS B 530 25.37 -12.86 -1.35
CA LYS B 530 25.67 -11.61 -0.62
C LYS B 530 26.10 -11.82 0.84
N ASP B 531 25.68 -12.92 1.47
CA ASP B 531 26.14 -13.31 2.81
C ASP B 531 27.62 -13.65 2.81
N LEU B 532 28.04 -14.45 1.83
CA LEU B 532 29.43 -14.87 1.72
C LEU B 532 30.36 -13.72 1.35
N ARG B 533 29.82 -12.77 0.59
CA ARG B 533 30.52 -11.56 0.18
C ARG B 533 30.71 -10.64 1.40
N ALA B 534 29.77 -10.71 2.35
CA ALA B 534 29.81 -9.93 3.59
C ALA B 534 30.82 -10.52 4.60
N LYS B 535 30.92 -11.85 4.65
CA LYS B 535 32.01 -12.55 5.37
C LYS B 535 33.38 -12.04 4.89
N LEU B 536 33.50 -11.82 3.59
CA LEU B 536 34.73 -11.40 2.96
C LEU B 536 35.17 -9.96 3.32
N ALA B 537 34.27 -8.99 3.15
CA ALA B 537 34.59 -7.53 3.21
C ALA B 537 35.25 -7.02 4.50
PG ATP C . -13.96 11.22 10.74
O1G ATP C . -12.67 10.83 11.41
O2G ATP C . -13.94 10.97 9.25
O3G ATP C . -15.19 10.73 11.44
PB ATP C . -14.49 13.98 9.86
O1B ATP C . -14.73 15.33 10.47
O2B ATP C . -15.50 13.43 8.88
O3B ATP C . -14.11 12.85 10.98
PA ATP C . -12.66 15.28 8.09
O1A ATP C . -12.19 14.58 6.82
O2A ATP C . -11.81 16.32 8.77
O3A ATP C . -13.06 14.09 9.12
O5' ATP C . -14.06 16.08 7.83
C5' ATP C . -14.66 16.12 6.52
C4' ATP C . -16.17 16.13 6.78
O4' ATP C . -16.54 17.38 7.33
C3' ATP C . -17.05 15.94 5.55
O3' ATP C . -17.31 14.57 5.30
C2' ATP C . -18.32 16.65 5.99
O2' ATP C . -19.11 15.72 6.73
C1' ATP C . -17.85 17.76 6.91
N9 ATP C . -17.81 19.08 6.20
C8 ATP C . -16.75 19.65 5.61
N7 ATP C . -17.12 20.84 5.07
C5 ATP C . -18.42 21.02 5.30
C6 ATP C . -19.31 22.04 4.99
N6 ATP C . -18.96 23.17 4.34
N1 ATP C . -20.57 21.92 5.43
C2 ATP C . -20.97 20.82 6.12
N3 ATP C . -20.13 19.82 6.45
C4 ATP C . -18.84 19.91 6.04
MG MG D . -15.15 11.62 7.79
PG ATP E . 15.49 -11.24 -4.97
O1G ATP E . 16.94 -10.78 -5.07
O2G ATP E . 14.63 -10.98 -6.18
O3G ATP E . 14.84 -10.87 -3.67
PB ATP E . 15.33 -13.86 -5.99
O1B ATP E . 16.05 -15.15 -5.69
O2B ATP E . 15.50 -13.14 -7.32
O3B ATP E . 15.66 -12.82 -4.80
PA ATP E . 12.94 -15.34 -6.55
O1A ATP E . 12.68 -16.42 -5.55
O2A ATP E . 11.82 -14.68 -7.32
O3A ATP E . 13.75 -14.15 -5.80
O5' ATP E . 13.99 -15.95 -7.62
C5' ATP E . 13.82 -15.74 -9.02
C4' ATP E . 15.19 -15.82 -9.65
O4' ATP E . 15.75 -17.12 -9.50
C3' ATP E . 15.20 -15.63 -11.16
O3' ATP E . 15.14 -14.25 -11.51
C2' ATP E . 16.54 -16.25 -11.53
O2' ATP E . 17.57 -15.30 -11.24
C1' ATP E . 16.66 -17.41 -10.56
N9 ATP E . 16.26 -18.67 -11.21
C8 ATP E . 15.04 -19.27 -11.13
N7 ATP E . 15.06 -20.43 -11.83
C5 ATP E . 16.30 -20.55 -12.39
C6 ATP E . 16.92 -21.50 -13.21
N6 ATP E . 16.29 -22.61 -13.64
N1 ATP E . 18.22 -21.30 -13.57
C2 ATP E . 18.92 -20.22 -13.17
N3 ATP E . 18.33 -19.31 -12.38
C4 ATP E . 17.05 -19.44 -11.98
MG MG F . 14.96 -11.14 -8.11
#